data_4JTQ
#
_entry.id   4JTQ
#
_cell.length_a   144.257
_cell.length_b   144.257
_cell.length_c   203.418
_cell.angle_alpha   90.00
_cell.angle_beta   90.00
_cell.angle_gamma   120.00
#
_symmetry.space_group_name_H-M   'H 3 2'
#
loop_
_entity.id
_entity.type
_entity.pdbx_description
1 polymer 'Aldo-keto reductase family 1 member C2'
2 non-polymer FLURBIPROFEN
3 non-polymer 'NADP NICOTINAMIDE-ADENINE-DINUCLEOTIDE PHOSPHATE'
4 non-polymer 1,2-ETHANEDIOL
5 non-polymer 'L(+)-TARTARIC ACID'
6 non-polymer 'PHOSPHATE ION'
7 water water
#
_entity_poly.entity_id   1
_entity_poly.type   'polypeptide(L)'
_entity_poly.pdbx_seq_one_letter_code
;MDSKYQCVKLNDGHFMPVLGFGTYAPAEVPKSKALEAVKLAIEAGFHHIDSAHVYNNEEQVGLAIRSKIADGSVKREDIF
YTSKLWSNSHRPELVRPALERSLKNLQLDYVDLYLIHFPVSVKPGEEVIPKDENGKILFDTVDLCATWEAMEKCKDAGLA
KSIGVSNFNHRLLEMILNKPGLKYKPVCNQVECHPYFNQRKLLDFCKSKDIVLVAYSALGSHREEPWVDPNSPVLLEDPV
LCALAKKHKRTPALIALRYQLQRGVVVLAKSYNEQRIRQNVQVFEFQLTSEEMKAIDGLNRNVRYLTLDIFAGPPNYPFS
DEYLEHHHHHH
;
_entity_poly.pdbx_strand_id   A,B
#
# COMPACT_ATOMS: atom_id res chain seq x y z
N LYS A 4 -13.20 2.06 1.07
CA LYS A 4 -11.77 2.28 0.87
C LYS A 4 -11.12 1.08 0.17
N TYR A 5 -9.89 1.31 -0.36
CA TYR A 5 -9.17 0.31 -1.11
C TYR A 5 -7.72 0.73 -1.23
N GLN A 6 -6.82 -0.25 -1.46
CA GLN A 6 -5.38 -0.03 -1.43
CA GLN A 6 -5.39 0.03 -1.45
C GLN A 6 -4.90 0.68 -2.75
N CYS A 7 -4.30 1.87 -2.62
CA CYS A 7 -3.70 2.65 -3.68
C CYS A 7 -2.30 3.12 -3.32
N VAL A 8 -1.59 3.49 -4.36
CA VAL A 8 -0.20 4.05 -4.29
C VAL A 8 -0.20 5.44 -4.88
N LYS A 9 0.53 6.32 -4.23
CA LYS A 9 0.76 7.67 -4.71
C LYS A 9 1.76 7.67 -5.87
N LEU A 10 1.30 8.22 -6.97
CA LEU A 10 2.13 8.41 -8.18
C LEU A 10 2.95 9.72 -8.08
N ASN A 11 3.96 9.81 -8.95
CA ASN A 11 4.88 10.91 -8.94
C ASN A 11 4.25 12.23 -9.39
N ASP A 12 3.00 12.20 -9.87
CA ASP A 12 2.23 13.42 -10.16
C ASP A 12 1.16 13.74 -9.10
N GLY A 13 1.16 12.98 -8.01
CA GLY A 13 0.28 13.20 -6.90
C GLY A 13 -1.04 12.43 -7.02
N HIS A 14 -1.33 11.81 -8.16
CA HIS A 14 -2.59 11.03 -8.30
C HIS A 14 -2.36 9.70 -7.68
N PHE A 15 -3.47 8.98 -7.47
CA PHE A 15 -3.41 7.67 -6.79
C PHE A 15 -3.87 6.56 -7.69
N MET A 16 -3.11 5.45 -7.64
CA MET A 16 -3.40 4.27 -8.47
C MET A 16 -3.77 3.08 -7.60
N PRO A 17 -4.95 2.45 -7.83
CA PRO A 17 -5.22 1.21 -7.07
C PRO A 17 -4.17 0.17 -7.43
N VAL A 18 -3.72 -0.60 -6.45
CA VAL A 18 -2.58 -1.44 -6.64
C VAL A 18 -2.90 -2.78 -7.33
N LEU A 19 -4.20 -3.11 -7.42
CA LEU A 19 -4.74 -4.27 -8.16
C LEU A 19 -5.63 -3.75 -9.30
N GLY A 20 -5.24 -4.12 -10.50
CA GLY A 20 -5.93 -3.73 -11.71
C GLY A 20 -6.53 -4.96 -12.44
N PHE A 21 -7.60 -4.71 -13.16
CA PHE A 21 -8.34 -5.69 -13.93
C PHE A 21 -7.95 -5.58 -15.36
N GLY A 22 -7.38 -6.63 -15.88
CA GLY A 22 -7.00 -6.68 -17.25
C GLY A 22 -8.19 -7.03 -18.15
N THR A 23 -8.23 -6.44 -19.35
CA THR A 23 -9.39 -6.62 -20.21
C THR A 23 -9.14 -7.22 -21.58
N TYR A 24 -7.88 -7.51 -21.90
CA TYR A 24 -7.60 -8.09 -23.21
C TYR A 24 -8.05 -9.55 -23.26
N ALA A 25 -8.70 -9.92 -24.32
CA ALA A 25 -8.96 -11.34 -24.61
C ALA A 25 -8.66 -11.62 -26.06
N PRO A 26 -8.20 -12.85 -26.33
CA PRO A 26 -7.94 -13.14 -27.75
C PRO A 26 -9.17 -13.01 -28.67
N ALA A 27 -8.93 -12.82 -29.95
CA ALA A 27 -9.96 -12.47 -30.92
C ALA A 27 -11.12 -13.49 -31.04
N GLU A 28 -10.87 -14.76 -30.71
CA GLU A 28 -11.88 -15.80 -30.81
C GLU A 28 -12.94 -15.61 -29.73
N VAL A 29 -12.62 -14.83 -28.68
CA VAL A 29 -13.56 -14.54 -27.59
C VAL A 29 -14.43 -13.36 -27.99
N PRO A 30 -15.77 -13.54 -27.98
CA PRO A 30 -16.62 -12.39 -28.35
C PRO A 30 -16.41 -11.20 -27.43
N LYS A 31 -16.51 -10.03 -28.02
CA LYS A 31 -16.50 -8.77 -27.28
C LYS A 31 -17.46 -8.53 -26.15
N SER A 32 -18.66 -9.07 -26.28
CA SER A 32 -19.72 -9.07 -25.25
C SER A 32 -19.26 -9.56 -23.89
N LYS A 33 -18.23 -10.44 -23.93
CA LYS A 33 -17.69 -10.99 -22.72
C LYS A 33 -16.94 -9.94 -21.92
N ALA A 34 -16.46 -8.89 -22.58
CA ALA A 34 -15.75 -7.82 -21.89
C ALA A 34 -16.71 -7.02 -21.03
N LEU A 35 -17.92 -6.79 -21.55
CA LEU A 35 -18.89 -6.04 -20.81
C LEU A 35 -19.18 -6.75 -19.49
N GLU A 36 -19.55 -8.02 -19.55
CA GLU A 36 -19.95 -8.72 -18.32
C GLU A 36 -18.77 -8.83 -17.37
N ALA A 37 -17.58 -9.09 -17.92
CA ALA A 37 -16.42 -9.30 -17.06
C ALA A 37 -16.05 -8.03 -16.26
N VAL A 38 -16.07 -6.89 -16.92
CA VAL A 38 -15.74 -5.64 -16.20
C VAL A 38 -16.77 -5.29 -15.12
N LYS A 39 -18.05 -5.54 -15.40
CA LYS A 39 -19.07 -5.39 -14.36
C LYS A 39 -18.82 -6.28 -13.18
N LEU A 40 -18.48 -7.54 -13.43
CA LEU A 40 -18.18 -8.43 -12.37
C LEU A 40 -16.95 -8.04 -11.57
N ALA A 41 -15.94 -7.54 -12.29
CA ALA A 41 -14.72 -7.01 -11.65
C ALA A 41 -14.99 -5.87 -10.67
N ILE A 42 -15.86 -4.96 -11.09
CA ILE A 42 -16.23 -3.81 -10.27
C ILE A 42 -17.01 -4.31 -9.05
N GLU A 43 -17.97 -5.21 -9.30
CA GLU A 43 -18.74 -5.86 -8.21
C GLU A 43 -17.85 -6.51 -7.20
N ALA A 44 -16.80 -7.17 -7.69
CA ALA A 44 -15.85 -7.92 -6.84
C ALA A 44 -14.93 -7.01 -6.01
N GLY A 45 -14.84 -5.74 -6.42
CA GLY A 45 -14.03 -4.71 -5.77
C GLY A 45 -12.76 -4.31 -6.47
N PHE A 46 -12.68 -4.59 -7.77
CA PHE A 46 -11.62 -3.96 -8.54
C PHE A 46 -11.98 -2.50 -8.71
N HIS A 47 -10.99 -1.63 -8.56
CA HIS A 47 -11.15 -0.22 -8.78
C HIS A 47 -10.28 0.38 -9.90
N HIS A 48 -9.54 -0.48 -10.56
CA HIS A 48 -8.54 -0.12 -11.57
C HIS A 48 -8.85 -1.06 -12.75
N ILE A 49 -9.10 -0.49 -13.93
N ILE A 49 -9.11 -0.47 -13.91
CA ILE A 49 -9.47 -1.23 -15.17
CA ILE A 49 -9.43 -1.20 -15.14
C ILE A 49 -8.53 -0.84 -16.31
C ILE A 49 -8.37 -0.83 -16.16
N ASP A 50 -7.83 -1.86 -16.82
CA ASP A 50 -6.77 -1.69 -17.83
C ASP A 50 -7.28 -2.07 -19.21
N SER A 51 -7.34 -1.10 -20.12
CA SER A 51 -7.61 -1.38 -21.53
C SER A 51 -6.68 -0.60 -22.43
N ALA A 52 -7.08 -0.50 -23.67
CA ALA A 52 -6.25 0.00 -24.79
C ALA A 52 -7.09 0.08 -26.03
N HIS A 53 -6.73 1.02 -26.89
CA HIS A 53 -7.40 1.09 -28.21
C HIS A 53 -7.26 -0.23 -28.99
N VAL A 54 -6.06 -0.85 -28.98
CA VAL A 54 -5.82 -2.05 -29.81
C VAL A 54 -6.59 -3.30 -29.34
N TYR A 55 -7.08 -3.28 -28.09
CA TYR A 55 -7.88 -4.40 -27.57
C TYR A 55 -9.25 -4.50 -28.21
N ASN A 56 -9.70 -3.42 -28.89
CA ASN A 56 -10.97 -3.44 -29.62
C ASN A 56 -12.14 -3.80 -28.71
N ASN A 57 -12.10 -3.26 -27.49
CA ASN A 57 -13.15 -3.51 -26.52
C ASN A 57 -13.62 -2.25 -25.77
N GLU A 58 -13.12 -1.09 -26.12
CA GLU A 58 -13.44 0.08 -25.35
C GLU A 58 -14.97 0.42 -25.34
N GLU A 59 -15.68 0.13 -26.41
CA GLU A 59 -17.16 0.35 -26.38
CA GLU A 59 -17.14 0.32 -26.41
C GLU A 59 -17.76 -0.47 -25.24
N GLN A 60 -17.37 -1.73 -25.13
CA GLN A 60 -17.88 -2.63 -24.11
C GLN A 60 -17.40 -2.31 -22.67
N VAL A 61 -16.13 -1.99 -22.53
CA VAL A 61 -15.53 -1.68 -21.24
C VAL A 61 -16.11 -0.36 -20.72
N GLY A 62 -16.24 0.59 -21.63
CA GLY A 62 -16.86 1.87 -21.31
C GLY A 62 -18.31 1.71 -20.90
N LEU A 63 -19.04 0.83 -21.58
CA LEU A 63 -20.46 0.62 -21.19
C LEU A 63 -20.57 -0.01 -19.78
N ALA A 64 -19.66 -0.95 -19.49
CA ALA A 64 -19.58 -1.52 -18.13
C ALA A 64 -19.44 -0.44 -17.08
N ILE A 65 -18.45 0.41 -17.29
CA ILE A 65 -18.14 1.49 -16.38
C ILE A 65 -19.32 2.43 -16.20
N ARG A 66 -19.82 2.92 -17.30
CA ARG A 66 -20.99 3.77 -17.26
C ARG A 66 -22.19 3.16 -16.53
N SER A 67 -22.46 1.87 -16.77
CA SER A 67 -23.57 1.15 -16.20
C SER A 67 -23.42 1.14 -14.67
N LYS A 68 -22.20 0.82 -14.19
CA LYS A 68 -21.98 0.70 -12.78
C LYS A 68 -21.99 2.06 -12.05
N ILE A 69 -21.71 3.13 -12.78
CA ILE A 69 -21.81 4.46 -12.24
C ILE A 69 -23.28 4.85 -12.24
N ALA A 70 -23.96 4.60 -13.36
CA ALA A 70 -25.32 5.01 -13.50
C ALA A 70 -26.28 4.28 -12.58
N ASP A 71 -25.99 3.04 -12.22
CA ASP A 71 -26.85 2.31 -11.28
C ASP A 71 -26.51 2.54 -9.80
N GLY A 72 -25.57 3.44 -9.53
CA GLY A 72 -25.19 3.78 -8.17
C GLY A 72 -24.21 2.87 -7.46
N SER A 73 -23.63 1.90 -8.18
CA SER A 73 -22.68 0.97 -7.61
C SER A 73 -21.38 1.68 -7.30
N VAL A 74 -20.93 2.60 -8.17
CA VAL A 74 -19.64 3.20 -7.93
C VAL A 74 -19.65 4.64 -8.42
N LYS A 75 -18.78 5.48 -7.88
CA LYS A 75 -18.55 6.82 -8.40
C LYS A 75 -17.41 6.86 -9.42
N ARG A 76 -17.48 7.76 -10.39
CA ARG A 76 -16.39 7.87 -11.35
C ARG A 76 -15.04 8.01 -10.68
N GLU A 77 -14.99 8.79 -9.59
CA GLU A 77 -13.77 9.03 -8.82
C GLU A 77 -13.23 7.78 -8.16
N ASP A 78 -13.99 6.70 -8.18
CA ASP A 78 -13.50 5.48 -7.59
C ASP A 78 -13.27 4.41 -8.58
N ILE A 79 -13.21 4.83 -9.84
CA ILE A 79 -12.72 4.01 -10.95
C ILE A 79 -11.45 4.65 -11.51
N PHE A 80 -10.39 3.86 -11.58
CA PHE A 80 -9.11 4.25 -12.23
C PHE A 80 -9.04 3.48 -13.57
N TYR A 81 -9.27 4.23 -14.65
CA TYR A 81 -9.34 3.67 -16.00
C TYR A 81 -8.10 4.04 -16.81
N THR A 82 -7.46 3.01 -17.39
CA THR A 82 -6.26 3.21 -18.20
C THR A 82 -6.60 2.86 -19.67
N SER A 83 -6.20 3.77 -20.57
CA SER A 83 -6.14 3.42 -21.99
C SER A 83 -4.68 3.63 -22.46
N LYS A 84 -4.44 3.23 -23.70
CA LYS A 84 -3.14 3.27 -24.26
C LYS A 84 -3.24 3.74 -25.71
N LEU A 85 -2.21 4.53 -26.05
CA LEU A 85 -1.97 5.10 -27.37
C LEU A 85 -1.26 4.07 -28.24
N TRP A 86 -1.97 3.63 -29.28
CA TRP A 86 -1.43 2.60 -30.18
C TRP A 86 -0.41 3.26 -31.13
N SER A 87 0.43 2.45 -31.70
CA SER A 87 1.61 2.88 -32.41
C SER A 87 1.35 3.50 -33.76
N ASN A 88 0.09 3.40 -34.26
CA ASN A 88 -0.30 4.11 -35.48
C ASN A 88 -0.58 5.60 -35.19
N SER A 89 -0.52 5.99 -33.91
CA SER A 89 -0.78 7.36 -33.55
C SER A 89 0.31 8.01 -32.71
N HIS A 90 1.54 7.56 -32.92
CA HIS A 90 2.71 8.17 -32.28
C HIS A 90 3.02 9.59 -32.76
N ARG A 91 2.67 9.94 -33.97
CA ARG A 91 3.01 11.26 -34.40
C ARG A 91 2.35 12.26 -33.48
N PRO A 92 3.06 13.30 -33.19
CA PRO A 92 2.54 14.13 -32.12
C PRO A 92 1.16 14.73 -32.37
N GLU A 93 0.86 15.12 -33.60
CA GLU A 93 -0.40 15.70 -33.95
C GLU A 93 -1.56 14.68 -33.96
N LEU A 94 -1.22 13.37 -33.90
CA LEU A 94 -2.22 12.28 -33.85
C LEU A 94 -2.53 11.75 -32.44
N VAL A 95 -1.74 12.18 -31.45
CA VAL A 95 -1.89 11.71 -30.05
C VAL A 95 -3.21 12.11 -29.42
N ARG A 96 -3.50 13.39 -29.43
CA ARG A 96 -4.79 13.86 -28.88
C ARG A 96 -6.02 13.30 -29.59
N PRO A 97 -5.98 13.28 -30.94
CA PRO A 97 -7.09 12.66 -31.67
C PRO A 97 -7.29 11.16 -31.27
N ALA A 98 -6.21 10.43 -31.01
CA ALA A 98 -6.38 9.04 -30.62
C ALA A 98 -7.05 8.92 -29.24
N LEU A 99 -6.61 9.76 -28.32
CA LEU A 99 -7.21 9.80 -26.95
C LEU A 99 -8.69 10.18 -27.04
N GLU A 100 -8.98 11.21 -27.88
CA GLU A 100 -10.36 11.66 -28.04
C GLU A 100 -11.25 10.60 -28.62
N ARG A 101 -10.67 9.79 -29.50
CA ARG A 101 -11.39 8.72 -30.12
C ARG A 101 -11.69 7.60 -29.13
N SER A 102 -10.73 7.28 -28.32
CA SER A 102 -10.94 6.33 -27.23
C SER A 102 -12.06 6.83 -26.34
N LEU A 103 -11.99 8.10 -25.96
CA LEU A 103 -12.94 8.63 -25.00
C LEU A 103 -14.36 8.62 -25.60
N LYS A 104 -14.47 8.86 -26.92
CA LYS A 104 -15.74 8.77 -27.61
C LYS A 104 -16.29 7.34 -27.63
N ASN A 105 -15.41 6.37 -27.84
CA ASN A 105 -15.84 4.97 -27.82
C ASN A 105 -16.29 4.56 -26.42
N LEU A 106 -15.58 5.07 -25.43
CA LEU A 106 -15.88 4.81 -23.99
C LEU A 106 -17.12 5.50 -23.44
N GLN A 107 -17.43 6.63 -24.07
CA GLN A 107 -18.28 7.67 -23.51
C GLN A 107 -17.88 8.01 -22.09
N LEU A 108 -16.60 8.35 -21.89
CA LEU A 108 -16.08 8.86 -20.63
C LEU A 108 -15.47 10.22 -20.94
N ASP A 109 -15.34 11.04 -19.92
CA ASP A 109 -14.82 12.35 -20.11
C ASP A 109 -13.32 12.45 -20.08
N TYR A 110 -12.69 11.54 -19.36
CA TYR A 110 -11.25 11.50 -19.22
C TYR A 110 -10.86 10.05 -18.90
N VAL A 111 -9.58 9.76 -19.13
CA VAL A 111 -8.94 8.58 -18.58
C VAL A 111 -8.09 8.97 -17.39
N ASP A 112 -7.98 8.05 -16.44
CA ASP A 112 -7.14 8.27 -15.34
C ASP A 112 -5.68 8.14 -15.76
N LEU A 113 -5.38 7.32 -16.78
CA LEU A 113 -4.00 7.09 -17.17
C LEU A 113 -3.99 6.81 -18.65
N TYR A 114 -3.07 7.47 -19.37
CA TYR A 114 -2.86 7.17 -20.76
C TYR A 114 -1.38 6.81 -20.95
N LEU A 115 -1.14 5.68 -21.66
CA LEU A 115 0.23 5.17 -21.80
C LEU A 115 0.62 5.17 -23.27
N ILE A 116 1.91 5.34 -23.54
CA ILE A 116 2.42 4.99 -24.87
C ILE A 116 2.51 3.46 -24.81
N HIS A 117 1.75 2.80 -25.64
CA HIS A 117 1.58 1.31 -25.55
C HIS A 117 2.86 0.54 -25.86
N PHE A 118 3.55 0.94 -26.90
CA PHE A 118 4.71 0.21 -27.41
C PHE A 118 5.64 1.18 -28.16
N PRO A 119 6.94 1.13 -27.91
CA PRO A 119 7.80 2.18 -28.46
C PRO A 119 8.08 2.18 -29.94
N VAL A 120 7.75 1.11 -30.61
CA VAL A 120 7.91 1.08 -32.09
C VAL A 120 6.70 1.66 -32.78
N SER A 121 6.97 2.61 -33.69
CA SER A 121 5.93 3.30 -34.42
C SER A 121 5.56 2.62 -35.74
N VAL A 122 4.29 2.70 -36.16
CA VAL A 122 3.82 2.19 -37.42
C VAL A 122 3.05 3.31 -38.16
N LYS A 123 2.92 3.17 -39.47
CA LYS A 123 2.21 4.20 -40.30
C LYS A 123 0.81 4.55 -39.85
N PRO A 124 0.46 5.83 -39.91
CA PRO A 124 -0.90 6.23 -39.52
C PRO A 124 -2.00 5.72 -40.41
N GLY A 125 -3.20 5.64 -39.85
CA GLY A 125 -4.39 5.14 -40.56
C GLY A 125 -5.24 4.29 -39.62
N GLU A 126 -6.35 3.75 -40.13
CA GLU A 126 -7.25 2.96 -39.28
C GLU A 126 -6.59 1.64 -38.86
N GLU A 127 -5.72 1.08 -39.71
CA GLU A 127 -5.23 -0.28 -39.47
C GLU A 127 -4.23 -0.19 -38.35
N VAL A 128 -4.43 -1.03 -37.34
CA VAL A 128 -3.52 -1.07 -36.21
C VAL A 128 -2.15 -1.74 -36.52
N ILE A 129 -2.15 -2.72 -37.42
CA ILE A 129 -0.85 -3.29 -37.90
C ILE A 129 -0.85 -3.18 -39.42
N PRO A 130 -0.53 -1.98 -39.91
CA PRO A 130 -0.61 -1.70 -41.36
C PRO A 130 0.50 -2.49 -42.07
N LYS A 131 0.13 -3.16 -43.14
CA LYS A 131 1.08 -3.94 -43.93
C LYS A 131 1.04 -3.53 -45.38
N ASP A 132 2.19 -3.63 -46.03
CA ASP A 132 2.24 -3.42 -47.47
C ASP A 132 1.73 -4.68 -48.21
N GLU A 133 1.78 -4.65 -49.56
CA GLU A 133 1.17 -5.66 -50.35
C GLU A 133 1.91 -7.01 -50.27
N ASN A 134 3.13 -6.95 -49.77
CA ASN A 134 3.95 -8.12 -49.48
C ASN A 134 3.98 -8.54 -48.02
N GLY A 135 3.08 -8.00 -47.23
CA GLY A 135 2.89 -8.40 -45.83
C GLY A 135 3.87 -7.77 -44.89
N LYS A 136 4.70 -6.80 -45.34
CA LYS A 136 5.68 -6.23 -44.46
C LYS A 136 4.99 -5.20 -43.62
N ILE A 137 5.32 -5.19 -42.33
CA ILE A 137 4.77 -4.13 -41.45
C ILE A 137 5.30 -2.79 -41.92
N LEU A 138 4.40 -1.81 -42.04
CA LEU A 138 4.81 -0.48 -42.41
C LEU A 138 5.26 0.37 -41.18
N PHE A 139 6.53 0.33 -40.89
CA PHE A 139 7.09 0.99 -39.75
C PHE A 139 7.15 2.54 -40.08
N ASP A 140 7.15 3.38 -39.07
CA ASP A 140 7.21 4.85 -39.17
C ASP A 140 8.32 5.34 -38.27
N THR A 141 8.97 6.44 -38.65
CA THR A 141 10.05 7.00 -37.85
C THR A 141 9.48 8.19 -37.12
N VAL A 142 9.38 8.10 -35.80
CA VAL A 142 8.82 9.13 -34.95
C VAL A 142 9.72 9.36 -33.72
N ASP A 143 10.01 10.62 -33.41
CA ASP A 143 10.73 10.98 -32.19
C ASP A 143 9.77 10.79 -31.01
N LEU A 144 9.95 9.74 -30.22
CA LEU A 144 9.12 9.52 -28.99
C LEU A 144 9.17 10.64 -27.98
N CYS A 145 10.22 11.50 -27.98
CA CYS A 145 10.20 12.67 -27.07
C CYS A 145 9.12 13.67 -27.55
N ALA A 146 8.88 13.75 -28.88
CA ALA A 146 7.75 14.53 -29.39
C ALA A 146 6.40 13.90 -29.10
N THR A 147 6.29 12.60 -29.24
CA THR A 147 5.08 11.91 -28.78
C THR A 147 4.81 12.25 -27.30
N TRP A 148 5.88 12.21 -26.46
CA TRP A 148 5.74 12.48 -25.03
C TRP A 148 5.22 13.90 -24.76
N GLU A 149 5.76 14.90 -25.46
CA GLU A 149 5.31 16.28 -25.34
C GLU A 149 3.84 16.34 -25.63
N ALA A 150 3.40 15.57 -26.66
CA ALA A 150 1.94 15.52 -27.00
C ALA A 150 1.08 14.86 -25.87
N MET A 151 1.65 13.84 -25.21
CA MET A 151 1.06 13.22 -24.00
C MET A 151 0.94 14.19 -22.86
N GLU A 152 2.02 14.92 -22.59
CA GLU A 152 2.01 16.01 -21.58
C GLU A 152 0.89 17.02 -21.80
N LYS A 153 0.68 17.45 -23.03
CA LYS A 153 -0.43 18.31 -23.31
C LYS A 153 -1.83 17.73 -23.06
N CYS A 154 -1.99 16.44 -23.34
CA CYS A 154 -3.23 15.74 -23.01
C CYS A 154 -3.48 15.81 -21.51
N LYS A 155 -2.41 15.74 -20.71
CA LYS A 155 -2.51 15.82 -19.26
C LYS A 155 -2.84 17.26 -18.87
N ASP A 156 -2.16 18.25 -19.43
CA ASP A 156 -2.56 19.63 -19.10
C ASP A 156 -3.97 19.99 -19.52
N ALA A 157 -4.50 19.31 -20.52
CA ALA A 157 -5.89 19.46 -20.93
C ALA A 157 -6.89 18.75 -20.09
N GLY A 158 -6.42 17.92 -19.13
CA GLY A 158 -7.37 17.19 -18.29
C GLY A 158 -8.00 15.94 -18.92
N LEU A 159 -7.56 15.57 -20.12
CA LEU A 159 -8.09 14.37 -20.79
C LEU A 159 -7.55 13.07 -20.26
N ALA A 160 -6.32 13.14 -19.76
CA ALA A 160 -5.62 12.06 -19.08
C ALA A 160 -5.15 12.66 -17.71
N LYS A 161 -5.56 12.08 -16.60
CA LYS A 161 -5.19 12.63 -15.34
C LYS A 161 -3.67 12.38 -15.11
N SER A 162 -3.16 11.25 -15.59
CA SER A 162 -1.73 10.88 -15.50
C SER A 162 -1.36 10.27 -16.82
N ILE A 163 -0.06 10.34 -17.10
CA ILE A 163 0.54 9.73 -18.28
C ILE A 163 1.74 8.85 -17.92
N GLY A 164 1.96 7.79 -18.73
CA GLY A 164 3.01 6.86 -18.46
C GLY A 164 3.41 6.15 -19.73
N VAL A 165 4.21 5.12 -19.58
CA VAL A 165 4.62 4.35 -20.71
C VAL A 165 4.43 2.85 -20.42
N SER A 166 4.64 2.08 -21.51
CA SER A 166 4.54 0.66 -21.47
C SER A 166 5.58 0.05 -22.37
N ASN A 167 6.22 -1.03 -21.89
CA ASN A 167 7.16 -1.77 -22.73
C ASN A 167 8.38 -0.91 -23.08
N PHE A 168 8.68 -0.01 -22.19
CA PHE A 168 9.91 0.74 -22.26
C PHE A 168 11.05 -0.01 -21.51
N ASN A 169 12.26 0.11 -22.09
CA ASN A 169 13.47 -0.37 -21.45
C ASN A 169 14.23 0.77 -20.79
N HIS A 170 15.35 0.47 -20.08
CA HIS A 170 16.15 1.52 -19.40
C HIS A 170 16.51 2.68 -20.36
N ARG A 171 16.94 2.33 -21.57
CA ARG A 171 17.39 3.38 -22.53
C ARG A 171 16.23 4.32 -22.95
N LEU A 172 15.04 3.76 -23.22
CA LEU A 172 13.94 4.57 -23.64
C LEU A 172 13.37 5.38 -22.48
N LEU A 173 13.34 4.84 -21.27
CA LEU A 173 12.95 5.65 -20.13
C LEU A 173 13.92 6.81 -19.95
N GLU A 174 15.24 6.53 -19.99
CA GLU A 174 16.28 7.64 -19.82
C GLU A 174 16.05 8.71 -20.87
N MET A 175 15.71 8.23 -22.06
CA MET A 175 15.40 9.16 -23.15
C MET A 175 14.31 10.13 -22.78
N ILE A 176 13.27 9.63 -22.12
CA ILE A 176 12.19 10.55 -21.66
C ILE A 176 12.62 11.42 -20.50
N LEU A 177 13.20 10.77 -19.50
CA LEU A 177 13.62 11.44 -18.25
C LEU A 177 14.69 12.54 -18.47
N ASN A 178 15.54 12.35 -19.48
CA ASN A 178 16.60 13.30 -19.78
C ASN A 178 16.20 14.32 -20.85
N LYS A 179 14.96 14.25 -21.30
CA LYS A 179 14.48 15.19 -22.31
C LYS A 179 14.57 16.65 -21.87
N PRO A 180 15.22 17.52 -22.66
CA PRO A 180 15.15 18.96 -22.33
C PRO A 180 13.71 19.47 -22.29
N GLY A 181 13.42 20.24 -21.25
CA GLY A 181 12.08 20.81 -21.05
C GLY A 181 11.04 19.82 -20.57
N LEU A 182 11.44 18.64 -20.09
CA LEU A 182 10.45 17.66 -19.60
C LEU A 182 9.53 18.32 -18.60
N LYS A 183 8.22 18.12 -18.72
CA LYS A 183 7.27 18.69 -17.77
C LYS A 183 6.78 17.62 -16.76
N TYR A 184 6.52 16.41 -17.25
CA TYR A 184 6.01 15.30 -16.42
C TYR A 184 6.75 14.02 -16.68
N LYS A 185 7.25 13.37 -15.63
CA LYS A 185 7.87 12.13 -15.77
C LYS A 185 6.73 11.16 -16.03
N PRO A 186 7.07 10.01 -16.61
CA PRO A 186 6.03 8.93 -16.67
C PRO A 186 5.71 8.52 -15.27
N VAL A 187 4.42 8.30 -14.96
CA VAL A 187 4.06 7.79 -13.62
C VAL A 187 4.39 6.32 -13.46
N CYS A 188 4.48 5.60 -14.59
CA CYS A 188 4.59 4.16 -14.57
C CYS A 188 5.28 3.65 -15.80
N ASN A 189 5.77 2.44 -15.70
CA ASN A 189 6.16 1.68 -16.85
C ASN A 189 5.49 0.33 -16.74
N GLN A 190 4.51 0.11 -17.61
CA GLN A 190 3.75 -1.11 -17.63
C GLN A 190 4.47 -2.18 -18.49
N VAL A 191 4.94 -3.24 -17.85
CA VAL A 191 5.76 -4.24 -18.50
C VAL A 191 5.40 -5.66 -17.99
N GLU A 192 5.81 -6.67 -18.73
CA GLU A 192 5.63 -8.06 -18.29
C GLU A 192 6.39 -8.31 -17.01
N CYS A 193 5.76 -8.95 -16.05
CA CYS A 193 6.47 -9.22 -14.77
C CYS A 193 5.70 -10.26 -13.99
N HIS A 194 6.46 -11.28 -13.61
CA HIS A 194 5.96 -12.47 -12.91
C HIS A 194 7.14 -13.23 -12.34
N PRO A 195 6.87 -14.27 -11.55
CA PRO A 195 8.05 -14.96 -10.97
C PRO A 195 9.08 -15.62 -11.88
N TYR A 196 8.74 -15.86 -13.15
CA TYR A 196 9.76 -16.36 -14.09
C TYR A 196 10.49 -15.24 -14.83
N PHE A 197 10.03 -13.98 -14.65
CA PHE A 197 10.67 -12.80 -15.22
C PHE A 197 10.43 -11.62 -14.27
N ASN A 198 11.21 -11.55 -13.19
CA ASN A 198 10.79 -10.71 -12.09
C ASN A 198 11.24 -9.26 -12.22
N GLN A 199 11.94 -8.97 -13.32
CA GLN A 199 12.37 -7.60 -13.62
C GLN A 199 13.08 -6.85 -12.51
N ARG A 200 13.71 -7.53 -11.56
CA ARG A 200 14.39 -6.83 -10.45
C ARG A 200 15.20 -5.64 -10.89
N LYS A 201 16.02 -5.80 -11.93
CA LYS A 201 16.92 -4.67 -12.33
C LYS A 201 16.09 -3.44 -12.74
N LEU A 202 15.16 -3.67 -13.66
CA LEU A 202 14.28 -2.57 -14.10
C LEU A 202 13.35 -2.02 -13.03
N LEU A 203 12.88 -2.92 -12.17
CA LEU A 203 12.09 -2.47 -10.98
C LEU A 203 12.92 -1.49 -10.16
N ASP A 204 14.14 -1.90 -9.78
CA ASP A 204 14.99 -1.01 -8.97
C ASP A 204 15.25 0.32 -9.67
N PHE A 205 15.53 0.28 -10.98
CA PHE A 205 15.64 1.52 -11.73
C PHE A 205 14.42 2.42 -11.63
N CYS A 206 13.25 1.86 -11.87
CA CYS A 206 12.01 2.62 -11.81
C CYS A 206 11.82 3.18 -10.39
N LYS A 207 12.08 2.36 -9.36
CA LYS A 207 11.94 2.86 -7.97
C LYS A 207 12.86 4.07 -7.75
N SER A 208 14.12 3.97 -8.21
CA SER A 208 15.09 5.07 -8.03
C SER A 208 14.56 6.39 -8.66
N LYS A 209 13.58 6.29 -9.58
CA LYS A 209 13.02 7.43 -10.28
C LYS A 209 11.62 7.76 -9.89
N ASP A 210 11.15 7.06 -8.83
CA ASP A 210 9.75 7.06 -8.40
C ASP A 210 8.77 6.83 -9.56
N ILE A 211 9.11 5.88 -10.39
CA ILE A 211 8.18 5.40 -11.40
C ILE A 211 7.67 4.06 -10.91
N VAL A 212 6.36 3.88 -10.96
CA VAL A 212 5.74 2.62 -10.53
C VAL A 212 5.83 1.60 -11.68
N LEU A 213 6.31 0.40 -11.38
CA LEU A 213 6.26 -0.67 -12.33
C LEU A 213 4.87 -1.32 -12.19
N VAL A 214 4.17 -1.47 -13.32
CA VAL A 214 2.84 -2.11 -13.36
C VAL A 214 3.06 -3.39 -14.17
N ALA A 215 2.75 -4.51 -13.54
CA ALA A 215 3.01 -5.84 -14.03
C ALA A 215 1.85 -6.36 -14.84
N TYR A 216 2.13 -6.68 -16.09
CA TYR A 216 1.23 -7.43 -16.92
C TYR A 216 1.72 -8.86 -17.13
N SER A 217 0.80 -9.71 -17.55
CA SER A 217 1.05 -11.16 -17.66
C SER A 217 1.59 -11.69 -16.34
N ALA A 218 1.06 -11.17 -15.23
CA ALA A 218 1.51 -11.51 -13.91
C ALA A 218 1.14 -12.91 -13.52
N LEU A 219 0.15 -13.51 -14.21
CA LEU A 219 -0.26 -14.91 -14.00
C LEU A 219 0.27 -15.81 -15.10
N GLY A 220 1.23 -15.34 -15.89
CA GLY A 220 1.85 -16.13 -16.95
C GLY A 220 1.26 -15.94 -18.35
N SER A 221 0.38 -14.93 -18.51
CA SER A 221 -0.10 -14.40 -19.82
C SER A 221 -1.28 -15.19 -20.37
N HIS A 222 -2.00 -14.55 -21.30
CA HIS A 222 -3.11 -15.15 -22.05
C HIS A 222 -2.69 -16.35 -22.89
N ARG A 223 -1.36 -16.47 -23.11
CA ARG A 223 -0.75 -17.54 -23.95
C ARG A 223 -1.34 -17.69 -25.37
N GLU A 224 -1.90 -16.60 -25.89
CA GLU A 224 -2.42 -16.53 -27.26
C GLU A 224 -1.33 -16.75 -28.33
N GLU A 225 -1.54 -17.72 -29.23
CA GLU A 225 -0.63 -17.89 -30.40
C GLU A 225 -1.05 -16.95 -31.53
N PRO A 226 -0.08 -16.43 -32.30
CA PRO A 226 1.35 -16.73 -32.24
C PRO A 226 2.17 -15.74 -31.38
N TRP A 227 1.50 -14.92 -30.57
CA TRP A 227 2.16 -13.91 -29.75
C TRP A 227 3.06 -14.53 -28.66
N VAL A 228 2.57 -15.66 -28.12
CA VAL A 228 3.28 -16.41 -27.08
C VAL A 228 3.57 -17.83 -27.54
N ASP A 229 4.84 -18.25 -27.33
CA ASP A 229 5.35 -19.60 -27.64
C ASP A 229 4.65 -20.64 -26.78
N PRO A 230 3.88 -21.57 -27.44
CA PRO A 230 3.24 -22.61 -26.61
C PRO A 230 4.19 -23.53 -25.85
N ASN A 231 5.48 -23.55 -26.18
CA ASN A 231 6.43 -24.41 -25.44
C ASN A 231 6.98 -23.78 -24.19
N SER A 232 6.67 -22.49 -24.00
CA SER A 232 7.04 -21.78 -22.75
C SER A 232 6.38 -22.44 -21.52
N PRO A 233 7.13 -22.52 -20.40
CA PRO A 233 6.56 -23.13 -19.15
C PRO A 233 5.30 -22.41 -18.68
N VAL A 234 4.41 -23.17 -18.02
CA VAL A 234 3.16 -22.63 -17.50
C VAL A 234 3.40 -22.08 -16.12
N LEU A 235 3.39 -20.75 -15.99
CA LEU A 235 3.75 -20.19 -14.70
C LEU A 235 3.00 -20.86 -13.54
N LEU A 236 1.68 -20.98 -13.68
CA LEU A 236 0.85 -21.35 -12.49
C LEU A 236 0.95 -22.81 -12.12
N GLU A 237 1.62 -23.59 -12.96
CA GLU A 237 1.96 -24.95 -12.67
C GLU A 237 3.28 -25.10 -11.90
N ASP A 238 3.94 -24.02 -11.61
CA ASP A 238 5.15 -24.08 -10.82
C ASP A 238 5.03 -24.79 -9.47
N PRO A 239 5.94 -25.74 -9.21
CA PRO A 239 5.76 -26.50 -7.95
C PRO A 239 5.95 -25.68 -6.66
N VAL A 240 6.85 -24.70 -6.69
CA VAL A 240 6.99 -23.81 -5.52
C VAL A 240 5.73 -22.94 -5.29
N LEU A 241 5.17 -22.37 -6.36
CA LEU A 241 3.99 -21.55 -6.22
C LEU A 241 2.80 -22.42 -5.76
N CYS A 242 2.70 -23.62 -6.29
CA CYS A 242 1.62 -24.58 -5.91
C CYS A 242 1.79 -25.03 -4.44
N ALA A 243 3.03 -25.22 -3.99
CA ALA A 243 3.24 -25.62 -2.60
C ALA A 243 2.92 -24.47 -1.62
N LEU A 244 3.31 -23.25 -2.00
CA LEU A 244 2.91 -22.08 -1.25
C LEU A 244 1.39 -21.92 -1.17
N ALA A 245 0.73 -22.13 -2.29
CA ALA A 245 -0.70 -22.06 -2.37
C ALA A 245 -1.35 -23.01 -1.37
N LYS A 246 -0.92 -24.24 -1.41
CA LYS A 246 -1.44 -25.27 -0.55
C LYS A 246 -1.20 -24.90 0.92
N LYS A 247 0.02 -24.47 1.23
CA LYS A 247 0.35 -24.02 2.58
C LYS A 247 -0.59 -22.90 3.11
N HIS A 248 -0.95 -21.95 2.24
CA HIS A 248 -1.75 -20.80 2.65
C HIS A 248 -3.23 -20.98 2.39
N LYS A 249 -3.61 -22.13 1.82
CA LYS A 249 -5.00 -22.43 1.40
C LYS A 249 -5.47 -21.33 0.44
N ARG A 250 -4.63 -21.03 -0.54
CA ARG A 250 -4.92 -20.01 -1.55
C ARG A 250 -4.70 -20.73 -2.87
N THR A 251 -4.34 -20.01 -3.92
CA THR A 251 -4.04 -20.59 -5.21
C THR A 251 -2.72 -20.04 -5.74
N PRO A 252 -2.15 -20.69 -6.74
CA PRO A 252 -0.86 -20.20 -7.25
C PRO A 252 -1.03 -18.81 -7.85
N ALA A 253 -2.19 -18.53 -8.47
CA ALA A 253 -2.44 -17.21 -8.92
C ALA A 253 -2.34 -16.15 -7.83
N LEU A 254 -2.98 -16.45 -6.70
CA LEU A 254 -2.99 -15.50 -5.60
C LEU A 254 -1.58 -15.29 -5.05
N ILE A 255 -0.78 -16.35 -5.02
CA ILE A 255 0.61 -16.22 -4.60
C ILE A 255 1.40 -15.28 -5.52
N ALA A 256 1.24 -15.44 -6.83
CA ALA A 256 1.91 -14.67 -7.82
C ALA A 256 1.48 -13.20 -7.77
N LEU A 257 0.20 -12.96 -7.50
CA LEU A 257 -0.28 -11.58 -7.34
C LEU A 257 0.27 -10.94 -6.07
N ARG A 258 0.24 -11.67 -4.94
CA ARG A 258 0.71 -11.14 -3.65
C ARG A 258 2.17 -10.80 -3.63
N TYR A 259 2.94 -11.63 -4.32
CA TYR A 259 4.36 -11.41 -4.56
C TYR A 259 4.66 -10.01 -5.08
N GLN A 260 3.89 -9.62 -6.13
CA GLN A 260 4.03 -8.33 -6.73
C GLN A 260 3.67 -7.22 -5.78
N LEU A 261 2.54 -7.37 -5.10
CA LEU A 261 2.19 -6.30 -4.20
C LEU A 261 3.28 -6.03 -3.16
N GLN A 262 3.81 -7.08 -2.55
CA GLN A 262 4.79 -6.94 -1.45
C GLN A 262 6.11 -6.37 -1.91
N ARG A 263 6.44 -6.53 -3.20
CA ARG A 263 7.69 -5.98 -3.74
C ARG A 263 7.52 -4.54 -4.27
N GLY A 264 6.34 -4.00 -4.15
CA GLY A 264 6.07 -2.60 -4.50
C GLY A 264 5.57 -2.38 -5.94
N VAL A 265 5.11 -3.45 -6.57
CA VAL A 265 4.62 -3.43 -7.93
C VAL A 265 3.07 -3.38 -7.91
N VAL A 266 2.48 -2.57 -8.79
CA VAL A 266 1.05 -2.62 -9.02
C VAL A 266 0.82 -3.75 -10.02
N VAL A 267 -0.19 -4.59 -9.78
CA VAL A 267 -0.33 -5.83 -10.50
C VAL A 267 -1.66 -5.88 -11.23
N LEU A 268 -1.65 -6.28 -12.50
CA LEU A 268 -2.89 -6.51 -13.24
C LEU A 268 -3.24 -7.99 -13.21
N ALA A 269 -4.51 -8.28 -13.40
CA ALA A 269 -4.95 -9.70 -13.48
C ALA A 269 -6.14 -9.70 -14.40
N LYS A 270 -6.07 -10.46 -15.49
CA LYS A 270 -7.25 -10.66 -16.36
C LYS A 270 -7.92 -11.95 -16.00
N SER A 271 -9.24 -11.92 -15.86
CA SER A 271 -10.07 -13.10 -15.86
C SER A 271 -11.44 -12.70 -16.38
N TYR A 272 -12.05 -13.56 -17.18
CA TYR A 272 -13.44 -13.37 -17.60
C TYR A 272 -14.34 -14.44 -16.97
N ASN A 273 -13.86 -15.08 -15.92
CA ASN A 273 -14.56 -16.17 -15.22
C ASN A 273 -15.00 -15.61 -13.85
N GLU A 274 -16.30 -15.63 -13.56
CA GLU A 274 -16.87 -15.04 -12.35
C GLU A 274 -16.11 -15.46 -11.08
N GLN A 275 -15.87 -16.77 -10.94
CA GLN A 275 -15.20 -17.32 -9.74
C GLN A 275 -13.76 -16.77 -9.58
N ARG A 276 -13.00 -16.78 -10.67
CA ARG A 276 -11.60 -16.31 -10.61
C ARG A 276 -11.50 -14.79 -10.41
N ILE A 277 -12.39 -14.03 -11.02
CA ILE A 277 -12.48 -12.57 -10.76
C ILE A 277 -12.60 -12.34 -9.25
N ARG A 278 -13.55 -13.03 -8.64
CA ARG A 278 -13.75 -12.90 -7.18
C ARG A 278 -12.57 -13.41 -6.35
N GLN A 279 -11.94 -14.46 -6.82
CA GLN A 279 -10.78 -15.00 -6.14
C GLN A 279 -9.64 -14.01 -6.15
N ASN A 280 -9.44 -13.34 -7.26
CA ASN A 280 -8.21 -12.52 -7.39
C ASN A 280 -8.15 -11.36 -6.40
N VAL A 281 -9.32 -10.81 -6.03
N VAL A 281 -9.32 -10.83 -6.05
CA VAL A 281 -9.34 -9.75 -5.01
CA VAL A 281 -9.40 -9.76 -5.03
C VAL A 281 -8.96 -10.25 -3.61
C VAL A 281 -8.98 -10.25 -3.63
N GLN A 282 -8.87 -11.57 -3.43
CA GLN A 282 -8.40 -12.12 -2.16
C GLN A 282 -6.93 -11.90 -1.90
N VAL A 283 -6.26 -11.27 -2.88
CA VAL A 283 -4.86 -10.92 -2.68
C VAL A 283 -4.63 -10.04 -1.41
N PHE A 284 -5.66 -9.28 -1.05
CA PHE A 284 -5.61 -8.42 0.13
C PHE A 284 -5.86 -9.08 1.44
N GLU A 285 -6.12 -10.41 1.40
CA GLU A 285 -6.52 -11.16 2.59
CA GLU A 285 -6.54 -11.18 2.57
C GLU A 285 -5.41 -11.90 3.32
N PHE A 286 -4.20 -11.94 2.72
CA PHE A 286 -3.10 -12.69 3.34
C PHE A 286 -1.81 -11.96 3.02
N GLN A 287 -0.75 -12.44 3.64
CA GLN A 287 0.64 -11.92 3.47
C GLN A 287 1.67 -13.02 3.42
N LEU A 288 2.77 -12.77 2.71
CA LEU A 288 3.89 -13.68 2.54
C LEU A 288 5.06 -13.26 3.44
N THR A 289 5.69 -14.26 4.09
CA THR A 289 6.85 -13.99 4.94
C THR A 289 8.10 -13.66 4.07
N SER A 290 9.13 -13.11 4.71
CA SER A 290 10.38 -12.83 4.00
C SER A 290 10.93 -14.10 3.35
N GLU A 291 10.84 -15.24 4.01
CA GLU A 291 11.37 -16.51 3.47
C GLU A 291 10.54 -16.98 2.21
N GLU A 292 9.22 -16.78 2.25
CA GLU A 292 8.38 -17.08 1.15
C GLU A 292 8.71 -16.18 -0.04
N MET A 293 8.82 -14.89 0.23
CA MET A 293 9.22 -13.94 -0.83
C MET A 293 10.58 -14.30 -1.46
N LYS A 294 11.55 -14.66 -0.64
CA LYS A 294 12.82 -15.16 -1.21
C LYS A 294 12.69 -16.40 -2.04
N ALA A 295 11.78 -17.30 -1.66
CA ALA A 295 11.61 -18.53 -2.44
C ALA A 295 11.07 -18.16 -3.84
N ILE A 296 10.18 -17.20 -3.87
CA ILE A 296 9.59 -16.78 -5.13
C ILE A 296 10.61 -16.05 -5.98
N ASP A 297 11.45 -15.19 -5.37
CA ASP A 297 12.60 -14.54 -6.08
C ASP A 297 13.45 -15.61 -6.73
N GLY A 298 13.56 -16.76 -6.09
CA GLY A 298 14.37 -17.78 -6.69
C GLY A 298 13.87 -18.46 -7.95
N LEU A 299 12.63 -18.26 -8.31
CA LEU A 299 12.04 -18.88 -9.49
C LEU A 299 12.42 -18.15 -10.78
N ASN A 300 13.03 -16.97 -10.64
CA ASN A 300 13.36 -16.16 -11.78
C ASN A 300 14.16 -16.94 -12.84
N ARG A 301 13.67 -16.93 -14.06
CA ARG A 301 14.38 -17.61 -15.10
C ARG A 301 14.54 -16.89 -16.42
N ASN A 302 14.41 -15.59 -16.45
CA ASN A 302 14.61 -14.83 -17.71
C ASN A 302 13.71 -15.36 -18.88
N VAL A 303 12.50 -15.85 -18.54
CA VAL A 303 11.42 -16.28 -19.48
C VAL A 303 10.51 -15.09 -19.82
N ARG A 304 10.66 -14.52 -21.00
CA ARG A 304 9.72 -13.50 -21.46
C ARG A 304 8.66 -14.12 -22.36
N TYR A 305 7.39 -14.08 -21.94
CA TYR A 305 6.28 -14.65 -22.73
C TYR A 305 5.94 -13.81 -23.94
N LEU A 306 5.92 -12.51 -23.75
CA LEU A 306 5.47 -11.60 -24.83
C LEU A 306 6.68 -10.85 -25.38
N THR A 307 7.18 -11.30 -26.54
CA THR A 307 8.31 -10.66 -27.19
C THR A 307 7.83 -9.58 -28.17
N LEU A 308 6.57 -9.66 -28.66
CA LEU A 308 6.06 -8.77 -29.74
C LEU A 308 7.06 -8.67 -30.87
N ASP A 309 7.68 -9.80 -31.25
CA ASP A 309 8.80 -9.70 -32.14
C ASP A 309 8.41 -9.44 -33.59
N ILE A 310 7.11 -9.36 -33.88
CA ILE A 310 6.73 -8.83 -35.20
C ILE A 310 7.14 -7.35 -35.35
N PHE A 311 7.39 -6.67 -34.23
CA PHE A 311 7.88 -5.29 -34.26
C PHE A 311 9.40 -5.18 -34.04
N ALA A 312 10.12 -6.31 -34.11
CA ALA A 312 11.59 -6.26 -34.01
C ALA A 312 12.17 -5.74 -35.31
N GLY A 313 13.34 -5.13 -35.20
CA GLY A 313 14.08 -4.60 -36.35
C GLY A 313 14.37 -3.12 -36.17
N PRO A 314 13.33 -2.29 -36.00
CA PRO A 314 13.57 -0.84 -35.76
C PRO A 314 14.36 -0.61 -34.44
N PRO A 315 15.06 0.52 -34.36
CA PRO A 315 15.94 0.78 -33.21
C PRO A 315 15.20 0.86 -31.89
N ASN A 316 13.96 1.34 -31.91
CA ASN A 316 13.18 1.37 -30.66
C ASN A 316 12.59 0.06 -30.15
N TYR A 317 12.76 -1.02 -30.87
CA TYR A 317 12.32 -2.31 -30.36
C TYR A 317 13.00 -2.51 -28.97
N PRO A 318 12.23 -2.75 -27.90
CA PRO A 318 12.77 -2.62 -26.56
C PRO A 318 13.49 -3.85 -25.96
N PHE A 319 13.29 -5.03 -26.56
CA PHE A 319 13.80 -6.26 -26.02
C PHE A 319 15.02 -6.84 -26.78
N SER B 3 -7.46 13.70 -1.27
CA SER B 3 -8.75 12.95 -1.11
C SER B 3 -8.60 11.38 -1.01
N LYS B 4 -7.61 10.83 -1.72
CA LYS B 4 -7.18 9.46 -1.53
C LYS B 4 -5.87 9.43 -0.78
N TYR B 5 -5.53 8.26 -0.20
CA TYR B 5 -4.34 8.12 0.58
C TYR B 5 -4.10 6.64 0.78
N GLN B 6 -2.84 6.25 1.07
CA GLN B 6 -2.45 4.85 1.10
CA GLN B 6 -2.51 4.84 1.11
C GLN B 6 -2.94 4.20 2.41
N CYS B 7 -3.74 3.11 2.25
CA CYS B 7 -4.24 2.28 3.37
C CYS B 7 -3.93 0.85 3.06
N VAL B 8 -4.04 0.03 4.10
CA VAL B 8 -3.88 -1.44 4.04
C VAL B 8 -5.19 -2.02 4.57
N LYS B 9 -5.60 -3.13 3.95
CA LYS B 9 -6.78 -3.86 4.42
C LYS B 9 -6.46 -4.71 5.67
N LEU B 10 -7.22 -4.51 6.74
CA LEU B 10 -7.02 -5.31 7.93
C LEU B 10 -7.82 -6.62 7.85
N ASN B 11 -7.48 -7.54 8.77
CA ASN B 11 -8.09 -8.86 8.78
C ASN B 11 -9.59 -8.88 9.15
N ASP B 12 -10.13 -7.72 9.58
CA ASP B 12 -11.56 -7.58 9.81
C ASP B 12 -12.31 -6.86 8.71
N GLY B 13 -11.60 -6.58 7.62
CA GLY B 13 -12.16 -5.89 6.49
C GLY B 13 -12.03 -4.38 6.55
N HIS B 14 -11.66 -3.82 7.71
CA HIS B 14 -11.45 -2.37 7.80
C HIS B 14 -10.15 -1.97 7.16
N PHE B 15 -9.95 -0.69 6.94
CA PHE B 15 -8.74 -0.19 6.35
C PHE B 15 -8.02 0.82 7.20
N MET B 16 -6.67 0.66 7.25
CA MET B 16 -5.76 1.43 8.09
C MET B 16 -4.83 2.24 7.23
N PRO B 17 -4.85 3.57 7.37
CA PRO B 17 -3.74 4.37 6.69
C PRO B 17 -2.35 3.98 7.14
N VAL B 18 -1.42 3.90 6.19
CA VAL B 18 -0.15 3.27 6.47
C VAL B 18 0.88 4.13 7.17
N LEU B 19 0.60 5.41 7.20
CA LEU B 19 1.39 6.42 7.98
C LEU B 19 0.48 7.04 9.05
N GLY B 20 0.88 6.85 10.29
CA GLY B 20 0.16 7.41 11.46
C GLY B 20 0.92 8.48 12.20
N PHE B 21 0.15 9.38 12.84
CA PHE B 21 0.68 10.47 13.66
C PHE B 21 0.68 10.14 15.14
N GLY B 22 1.84 10.06 15.73
CA GLY B 22 1.96 9.80 17.15
C GLY B 22 1.71 11.05 17.94
N THR B 23 1.06 10.93 19.10
CA THR B 23 0.63 12.08 19.82
C THR B 23 1.20 12.18 21.23
N TYR B 24 1.97 11.19 21.69
CA TYR B 24 2.50 11.25 23.07
C TYR B 24 3.57 12.36 23.21
N ALA B 25 3.53 13.12 24.28
CA ALA B 25 4.61 14.03 24.57
C ALA B 25 4.89 13.98 26.06
N PRO B 26 6.16 14.27 26.50
CA PRO B 26 6.38 14.13 27.97
C PRO B 26 5.49 15.06 28.74
N ALA B 27 5.20 14.82 30.03
CA ALA B 27 4.24 15.70 30.79
C ALA B 27 4.69 17.14 30.90
N GLU B 28 6.00 17.40 30.86
CA GLU B 28 6.51 18.77 30.90
C GLU B 28 6.09 19.59 29.68
N VAL B 29 5.70 18.94 28.58
CA VAL B 29 5.17 19.64 27.42
C VAL B 29 3.69 19.91 27.68
N PRO B 30 3.23 21.17 27.56
CA PRO B 30 1.81 21.48 27.87
C PRO B 30 0.83 20.73 26.97
N LYS B 31 -0.29 20.26 27.54
CA LYS B 31 -1.29 19.52 26.76
C LYS B 31 -1.79 20.31 25.54
N SER B 32 -1.82 21.65 25.66
CA SER B 32 -2.05 22.63 24.59
C SER B 32 -1.39 22.28 23.22
N LYS B 33 -0.18 21.76 23.33
CA LYS B 33 0.64 21.58 22.15
C LYS B 33 0.11 20.39 21.35
N ALA B 34 -0.56 19.45 22.00
CA ALA B 34 -1.07 18.30 21.32
C ALA B 34 -2.22 18.73 20.41
N LEU B 35 -3.02 19.67 20.87
CA LEU B 35 -4.14 20.16 20.10
C LEU B 35 -3.64 20.74 18.79
N GLU B 36 -2.66 21.61 18.90
CA GLU B 36 -2.13 22.25 17.72
C GLU B 36 -1.43 21.27 16.83
N ALA B 37 -0.68 20.34 17.43
CA ALA B 37 0.09 19.41 16.62
C ALA B 37 -0.81 18.47 15.78
N VAL B 38 -1.89 17.98 16.35
CA VAL B 38 -2.86 17.12 15.62
C VAL B 38 -3.52 17.90 14.48
N LYS B 39 -3.85 19.17 14.72
CA LYS B 39 -4.45 19.99 13.65
C LYS B 39 -3.47 20.12 12.49
N LEU B 40 -2.21 20.39 12.79
CA LEU B 40 -1.16 20.51 11.77
C LEU B 40 -0.98 19.16 11.03
N ALA B 41 -1.01 18.06 11.78
CA ALA B 41 -0.82 16.74 11.15
C ALA B 41 -1.97 16.44 10.13
N ILE B 42 -3.18 16.82 10.50
CA ILE B 42 -4.29 16.58 9.61
C ILE B 42 -4.11 17.44 8.39
N GLU B 43 -3.75 18.69 8.64
CA GLU B 43 -3.51 19.60 7.48
C GLU B 43 -2.46 19.08 6.52
N ALA B 44 -1.40 18.48 7.06
CA ALA B 44 -0.30 17.93 6.28
C ALA B 44 -0.65 16.70 5.43
N GLY B 45 -1.76 16.03 5.80
CA GLY B 45 -2.29 14.87 5.13
C GLY B 45 -2.15 13.59 5.93
N PHE B 46 -1.94 13.66 7.25
CA PHE B 46 -2.06 12.41 8.07
C PHE B 46 -3.54 12.12 8.18
N HIS B 47 -3.88 10.84 7.99
CA HIS B 47 -5.25 10.33 8.16
C HIS B 47 -5.43 9.35 9.29
N HIS B 48 -4.32 9.03 9.97
CA HIS B 48 -4.29 8.07 11.07
C HIS B 48 -3.60 8.78 12.27
N ILE B 49 -4.28 8.77 13.40
CA ILE B 49 -3.88 9.46 14.60
CA ILE B 49 -3.83 9.44 14.60
C ILE B 49 -3.83 8.42 15.73
N ASP B 50 -2.70 8.34 16.43
CA ASP B 50 -2.44 7.32 17.45
C ASP B 50 -2.38 8.01 18.83
N SER B 51 -3.27 7.58 19.74
CA SER B 51 -3.20 8.02 21.13
C SER B 51 -3.57 6.90 22.07
N ALA B 52 -3.88 7.23 23.32
CA ALA B 52 -4.05 6.25 24.41
C ALA B 52 -4.58 6.98 25.59
N HIS B 53 -5.30 6.29 26.44
CA HIS B 53 -5.73 6.87 27.73
C HIS B 53 -4.56 7.39 28.57
N VAL B 54 -3.47 6.66 28.57
CA VAL B 54 -2.31 6.93 29.43
C VAL B 54 -1.55 8.20 29.01
N TYR B 55 -1.78 8.60 27.74
CA TYR B 55 -1.10 9.80 27.23
C TYR B 55 -1.67 11.07 27.80
N ASN B 56 -2.85 10.98 28.42
CA ASN B 56 -3.49 12.14 29.04
C ASN B 56 -3.63 13.29 28.07
N ASN B 57 -4.00 12.94 26.85
CA ASN B 57 -4.24 13.98 25.84
C ASN B 57 -5.53 13.83 25.02
N GLU B 58 -6.41 12.89 25.38
CA GLU B 58 -7.51 12.61 24.49
C GLU B 58 -8.50 13.77 24.36
N GLU B 59 -8.72 14.50 25.45
CA GLU B 59 -9.51 15.71 25.31
C GLU B 59 -8.97 16.66 24.17
N GLN B 60 -7.66 16.85 24.13
CA GLN B 60 -7.04 17.79 23.16
C GLN B 60 -7.01 17.15 21.77
N VAL B 61 -6.66 15.87 21.72
CA VAL B 61 -6.66 15.22 20.43
C VAL B 61 -8.08 15.19 19.82
N GLY B 62 -9.11 14.91 20.64
CA GLY B 62 -10.47 14.90 20.14
C GLY B 62 -10.93 16.25 19.58
N LEU B 63 -10.55 17.32 20.28
CA LEU B 63 -10.92 18.65 19.91
C LEU B 63 -10.27 18.97 18.58
N ALA B 64 -9.02 18.56 18.40
CA ALA B 64 -8.32 18.81 17.09
C ALA B 64 -9.06 18.15 15.97
N ILE B 65 -9.41 16.88 16.17
CA ILE B 65 -10.12 16.11 15.14
C ILE B 65 -11.48 16.75 14.86
N ARG B 66 -12.24 17.06 15.92
CA ARG B 66 -13.58 17.59 15.73
C ARG B 66 -13.57 18.96 15.10
N SER B 67 -12.48 19.70 15.37
CA SER B 67 -12.31 21.05 14.85
C SER B 67 -12.09 20.97 13.31
N LYS B 68 -11.32 19.95 12.90
CA LYS B 68 -11.05 19.76 11.46
C LYS B 68 -12.21 19.13 10.70
N ILE B 69 -13.08 18.44 11.42
CA ILE B 69 -14.34 17.96 10.86
C ILE B 69 -15.23 19.13 10.72
N ALA B 70 -15.52 19.78 11.84
CA ALA B 70 -16.40 20.98 11.89
C ALA B 70 -16.11 21.96 10.74
N ASP B 71 -14.84 22.23 10.47
CA ASP B 71 -14.48 23.21 9.42
C ASP B 71 -14.32 22.67 8.00
N GLY B 72 -14.72 21.43 7.76
CA GLY B 72 -14.63 20.82 6.44
C GLY B 72 -13.26 20.38 5.93
N SER B 73 -12.21 20.47 6.75
CA SER B 73 -10.88 19.96 6.30
C SER B 73 -10.90 18.44 6.02
N VAL B 74 -11.67 17.71 6.83
CA VAL B 74 -11.73 16.27 6.72
C VAL B 74 -13.09 15.78 7.22
N LYS B 75 -13.51 14.61 6.74
CA LYS B 75 -14.70 13.88 7.29
C LYS B 75 -14.31 12.82 8.29
N ARG B 76 -15.22 12.49 9.16
CA ARG B 76 -14.92 11.46 10.21
C ARG B 76 -14.46 10.16 9.59
N GLU B 77 -14.97 9.83 8.40
CA GLU B 77 -14.66 8.55 7.74
C GLU B 77 -13.26 8.55 7.20
N ASP B 78 -12.68 9.75 7.05
CA ASP B 78 -11.31 9.87 6.62
C ASP B 78 -10.27 10.17 7.72
N ILE B 79 -10.67 9.88 8.93
CA ILE B 79 -9.77 9.87 10.04
C ILE B 79 -9.83 8.48 10.69
N PHE B 80 -8.65 7.87 10.91
CA PHE B 80 -8.52 6.60 11.56
C PHE B 80 -7.88 6.95 12.92
N TYR B 81 -8.68 6.87 13.96
CA TYR B 81 -8.27 7.18 15.33
C TYR B 81 -8.11 5.93 16.21
N THR B 82 -6.93 5.80 16.80
CA THR B 82 -6.61 4.71 17.70
C THR B 82 -6.51 5.20 19.15
N SER B 83 -7.20 4.47 20.04
CA SER B 83 -6.97 4.58 21.48
C SER B 83 -6.47 3.25 22.02
N LYS B 84 -6.10 3.26 23.31
CA LYS B 84 -5.54 2.09 23.91
C LYS B 84 -6.04 1.99 25.37
N LEU B 85 -6.36 0.77 25.72
CA LEU B 85 -6.76 0.35 27.05
C LEU B 85 -5.55 0.22 27.94
N TRP B 86 -5.49 1.06 28.99
CA TRP B 86 -4.34 1.05 29.91
C TRP B 86 -4.52 -0.20 30.85
N SER B 87 -3.43 -0.60 31.47
CA SER B 87 -3.30 -1.83 32.22
C SER B 87 -4.02 -1.82 33.55
N ASN B 88 -4.54 -0.65 33.98
CA ASN B 88 -5.41 -0.58 35.17
C ASN B 88 -6.85 -0.92 34.82
N SER B 89 -7.14 -1.19 33.55
CA SER B 89 -8.48 -1.58 33.17
C SER B 89 -8.57 -2.88 32.35
N HIS B 90 -7.65 -3.80 32.59
CA HIS B 90 -7.69 -5.15 32.00
C HIS B 90 -8.86 -6.01 32.48
N ARG B 91 -9.31 -5.77 33.73
CA ARG B 91 -10.36 -6.67 34.25
C ARG B 91 -11.56 -6.54 33.28
N PRO B 92 -12.21 -7.65 32.95
CA PRO B 92 -13.26 -7.64 31.93
C PRO B 92 -14.38 -6.61 32.12
N GLU B 93 -14.83 -6.43 33.38
CA GLU B 93 -15.89 -5.47 33.62
C GLU B 93 -15.44 -4.02 33.54
N LEU B 94 -14.13 -3.79 33.39
CA LEU B 94 -13.56 -2.44 33.33
C LEU B 94 -13.24 -2.00 31.89
N VAL B 95 -13.29 -2.93 30.94
CA VAL B 95 -12.83 -2.62 29.57
C VAL B 95 -13.77 -1.64 28.84
N ARG B 96 -15.03 -2.00 28.70
CA ARG B 96 -15.97 -1.08 28.09
C ARG B 96 -16.03 0.28 28.78
N PRO B 97 -16.09 0.34 30.13
CA PRO B 97 -16.05 1.70 30.78
C PRO B 97 -14.80 2.49 30.40
N ALA B 98 -13.61 1.84 30.28
CA ALA B 98 -12.41 2.58 29.90
C ALA B 98 -12.54 3.15 28.47
N LEU B 99 -13.12 2.37 27.59
CA LEU B 99 -13.31 2.82 26.23
C LEU B 99 -14.36 4.00 26.22
N GLU B 100 -15.46 3.87 26.96
CA GLU B 100 -16.46 4.91 27.03
C GLU B 100 -15.87 6.17 27.61
N ARG B 101 -14.94 6.05 28.56
CA ARG B 101 -14.31 7.22 29.16
C ARG B 101 -13.44 7.96 28.13
N SER B 102 -12.64 7.20 27.43
CA SER B 102 -11.87 7.74 26.30
C SER B 102 -12.75 8.45 25.30
N LEU B 103 -13.85 7.82 24.92
CA LEU B 103 -14.84 8.36 23.98
C LEU B 103 -15.45 9.65 24.49
N LYS B 104 -15.72 9.67 25.79
CA LYS B 104 -16.29 10.88 26.41
C LYS B 104 -15.29 12.03 26.41
N ASN B 105 -13.99 11.74 26.63
CA ASN B 105 -12.95 12.72 26.54
C ASN B 105 -12.79 13.24 25.13
N LEU B 106 -12.87 12.34 24.17
CA LEU B 106 -12.72 12.72 22.76
C LEU B 106 -13.95 13.44 22.20
N GLN B 107 -15.10 13.22 22.82
CA GLN B 107 -16.44 13.54 22.28
CA GLN B 107 -16.43 13.53 22.27
C GLN B 107 -16.67 12.93 20.88
N LEU B 108 -16.27 11.65 20.71
CA LEU B 108 -16.47 10.88 19.46
C LEU B 108 -17.37 9.75 19.81
N ASP B 109 -18.06 9.22 18.79
CA ASP B 109 -19.00 8.09 18.97
C ASP B 109 -18.29 6.73 18.98
N TYR B 110 -17.17 6.63 18.25
CA TYR B 110 -16.39 5.42 18.15
C TYR B 110 -14.92 5.73 17.91
N VAL B 111 -14.07 4.76 18.22
CA VAL B 111 -12.65 4.78 17.80
C VAL B 111 -12.56 3.82 16.63
N ASP B 112 -11.63 4.09 15.74
CA ASP B 112 -11.32 3.14 14.67
C ASP B 112 -10.61 1.92 15.14
N LEU B 113 -9.82 2.09 16.17
CA LEU B 113 -9.00 0.99 16.67
C LEU B 113 -8.83 1.12 18.16
N TYR B 114 -9.04 0.03 18.88
CA TYR B 114 -8.77 -0.02 20.32
C TYR B 114 -7.81 -1.15 20.58
N LEU B 115 -6.70 -0.83 21.26
CA LEU B 115 -5.62 -1.79 21.59
C LEU B 115 -5.54 -2.11 23.06
N ILE B 116 -5.11 -3.34 23.34
CA ILE B 116 -4.65 -3.63 24.68
C ILE B 116 -3.23 -3.02 24.66
N HIS B 117 -2.98 -2.02 25.49
CA HIS B 117 -1.73 -1.23 25.44
C HIS B 117 -0.49 -2.00 25.76
N PHE B 118 -0.56 -2.78 26.83
CA PHE B 118 0.56 -3.44 27.44
C PHE B 118 0.06 -4.68 28.18
N PRO B 119 0.70 -5.85 27.95
CA PRO B 119 0.13 -7.11 28.49
C PRO B 119 0.19 -7.32 29.98
N VAL B 120 1.00 -6.57 30.69
CA VAL B 120 1.03 -6.64 32.16
C VAL B 120 -0.08 -5.78 32.78
N SER B 121 -0.80 -6.30 33.76
CA SER B 121 -1.88 -5.63 34.44
C SER B 121 -1.38 -4.96 35.68
N VAL B 122 -2.05 -3.85 36.03
CA VAL B 122 -1.84 -3.18 37.30
C VAL B 122 -3.13 -2.96 38.02
N LYS B 123 -3.05 -2.72 39.32
CA LYS B 123 -4.26 -2.53 40.11
C LYS B 123 -5.21 -1.45 39.60
N PRO B 124 -6.51 -1.74 39.60
CA PRO B 124 -7.44 -0.69 39.14
C PRO B 124 -7.47 0.55 40.04
N GLY B 125 -7.84 1.67 39.41
CA GLY B 125 -7.88 2.95 40.06
C GLY B 125 -7.44 4.03 39.13
N GLU B 126 -7.44 5.27 39.64
CA GLU B 126 -7.07 6.38 38.81
C GLU B 126 -5.62 6.34 38.39
N GLU B 127 -4.74 6.10 39.35
CA GLU B 127 -3.30 6.14 39.12
C GLU B 127 -2.85 5.10 38.08
N VAL B 128 -2.20 5.51 36.96
CA VAL B 128 -1.80 4.62 35.91
C VAL B 128 -0.60 3.72 36.29
N ILE B 129 0.25 4.13 37.20
CA ILE B 129 1.34 3.25 37.67
C ILE B 129 1.29 3.27 39.21
N PRO B 130 0.35 2.48 39.75
CA PRO B 130 0.17 2.48 41.21
C PRO B 130 1.31 1.81 41.88
N LYS B 131 1.75 2.36 43.01
CA LYS B 131 2.87 1.80 43.79
C LYS B 131 2.52 1.61 45.21
N ASP B 132 3.25 0.66 45.82
CA ASP B 132 3.03 0.31 47.19
C ASP B 132 3.95 1.10 48.14
N GLU B 133 3.94 0.77 49.44
CA GLU B 133 4.68 1.52 50.46
C GLU B 133 6.19 1.38 50.28
N ASN B 134 6.63 0.37 49.52
CA ASN B 134 8.07 0.18 49.26
C ASN B 134 8.48 0.76 47.90
N GLY B 135 7.53 1.43 47.23
CA GLY B 135 7.77 2.01 45.94
C GLY B 135 7.75 0.98 44.80
N LYS B 136 7.22 -0.21 45.03
CA LYS B 136 7.14 -1.23 43.98
C LYS B 136 5.73 -1.20 43.32
N ILE B 137 5.66 -1.56 42.06
CA ILE B 137 4.43 -1.49 41.31
C ILE B 137 3.40 -2.44 41.89
N LEU B 138 2.18 -1.96 42.00
CA LEU B 138 1.04 -2.77 42.40
C LEU B 138 0.47 -3.46 41.15
N PHE B 139 1.15 -4.53 40.81
CA PHE B 139 0.67 -5.42 39.74
C PHE B 139 -0.63 -6.08 40.08
N ASP B 140 -1.40 -6.45 39.04
CA ASP B 140 -2.60 -7.20 39.21
C ASP B 140 -2.42 -8.50 38.42
N THR B 141 -3.39 -9.39 38.53
CA THR B 141 -3.43 -10.61 37.75
C THR B 141 -4.80 -10.66 37.01
N VAL B 142 -4.76 -10.66 35.69
CA VAL B 142 -5.95 -10.76 34.87
C VAL B 142 -5.68 -11.68 33.70
N ASP B 143 -6.60 -12.62 33.46
CA ASP B 143 -6.53 -13.48 32.29
C ASP B 143 -6.75 -12.59 31.05
N LEU B 144 -5.74 -12.46 30.22
CA LEU B 144 -5.82 -11.62 28.99
C LEU B 144 -6.81 -12.16 27.97
N CYS B 145 -7.09 -13.49 28.01
CA CYS B 145 -8.20 -13.98 27.17
C CYS B 145 -9.55 -13.38 27.58
N ALA B 146 -9.75 -13.17 28.88
CA ALA B 146 -10.98 -12.51 29.37
C ALA B 146 -10.98 -11.04 28.95
N THR B 147 -9.82 -10.39 29.01
CA THR B 147 -9.73 -9.00 28.55
C THR B 147 -10.07 -8.94 27.05
N TRP B 148 -9.58 -9.93 26.27
CA TRP B 148 -9.81 -9.90 24.81
C TRP B 148 -11.31 -10.11 24.52
N GLU B 149 -11.96 -11.07 25.24
CA GLU B 149 -13.39 -11.27 25.08
C GLU B 149 -14.13 -9.94 25.34
N ALA B 150 -13.69 -9.16 26.33
CA ALA B 150 -14.27 -7.86 26.59
C ALA B 150 -14.06 -6.88 25.45
N MET B 151 -12.86 -6.94 24.87
CA MET B 151 -12.59 -6.14 23.64
C MET B 151 -13.50 -6.47 22.49
N GLU B 152 -13.74 -7.74 22.26
CA GLU B 152 -14.62 -8.21 21.22
C GLU B 152 -16.02 -7.62 21.38
N LYS B 153 -16.49 -7.60 22.63
CA LYS B 153 -17.79 -7.05 22.92
C LYS B 153 -17.86 -5.52 22.59
N CYS B 154 -16.72 -4.83 22.78
CA CYS B 154 -16.63 -3.40 22.38
C CYS B 154 -16.79 -3.23 20.87
N LYS B 155 -16.17 -4.11 20.11
CA LYS B 155 -16.30 -4.10 18.65
C LYS B 155 -17.76 -4.42 18.28
N ASP B 156 -18.33 -5.47 18.89
CA ASP B 156 -19.76 -5.77 18.62
C ASP B 156 -20.73 -4.67 18.91
N ALA B 157 -20.38 -3.92 19.92
CA ALA B 157 -21.17 -2.75 20.34
C ALA B 157 -20.95 -1.55 19.43
N GLY B 158 -20.01 -1.61 18.51
CA GLY B 158 -19.78 -0.48 17.61
C GLY B 158 -18.92 0.63 18.14
N LEU B 159 -18.43 0.48 19.36
CA LEU B 159 -17.58 1.49 20.05
C LEU B 159 -16.16 1.48 19.50
N ALA B 160 -15.70 0.34 18.98
CA ALA B 160 -14.42 0.23 18.31
C ALA B 160 -14.67 -0.49 17.00
N LYS B 161 -14.22 0.11 15.91
CA LYS B 161 -14.37 -0.52 14.60
C LYS B 161 -13.52 -1.77 14.44
N SER B 162 -12.32 -1.68 14.96
CA SER B 162 -11.37 -2.77 14.96
C SER B 162 -10.69 -2.81 16.36
N ILE B 163 -10.18 -4.00 16.69
CA ILE B 163 -9.44 -4.22 17.93
C ILE B 163 -8.10 -4.85 17.66
N GLY B 164 -7.12 -4.52 18.50
CA GLY B 164 -5.79 -5.11 18.34
C GLY B 164 -5.05 -5.07 19.63
N VAL B 165 -3.72 -5.31 19.53
CA VAL B 165 -2.86 -5.39 20.69
C VAL B 165 -1.61 -4.55 20.47
N SER B 166 -0.87 -4.35 21.54
CA SER B 166 0.39 -3.65 21.51
C SER B 166 1.37 -4.28 22.48
N ASN B 167 2.65 -4.30 22.12
CA ASN B 167 3.67 -4.88 23.03
C ASN B 167 3.46 -6.36 23.38
N PHE B 168 2.83 -7.07 22.43
CA PHE B 168 2.67 -8.52 22.50
C PHE B 168 3.85 -9.20 21.84
N ASN B 169 4.30 -10.31 22.44
CA ASN B 169 5.32 -11.16 21.85
C ASN B 169 4.58 -12.38 21.20
N HIS B 170 5.35 -13.32 20.68
CA HIS B 170 4.80 -14.45 19.95
C HIS B 170 3.90 -15.27 20.86
N ARG B 171 4.33 -15.50 22.10
CA ARG B 171 3.58 -16.36 23.03
C ARG B 171 2.23 -15.75 23.31
N LEU B 172 2.23 -14.44 23.53
CA LEU B 172 0.96 -13.76 23.90
C LEU B 172 0.04 -13.64 22.70
N LEU B 173 0.62 -13.43 21.49
CA LEU B 173 -0.22 -13.46 20.28
C LEU B 173 -0.93 -14.79 20.10
N GLU B 174 -0.17 -15.86 20.33
CA GLU B 174 -0.67 -17.22 20.19
C GLU B 174 -1.80 -17.50 21.20
N MET B 175 -1.62 -17.00 22.42
CA MET B 175 -2.60 -17.16 23.45
C MET B 175 -3.95 -16.66 22.94
N ILE B 176 -3.92 -15.46 22.32
CA ILE B 176 -5.13 -14.92 21.74
C ILE B 176 -5.62 -15.69 20.50
N LEU B 177 -4.73 -15.95 19.57
CA LEU B 177 -5.09 -16.57 18.29
C LEU B 177 -5.64 -17.99 18.49
N ASN B 178 -5.17 -18.65 19.55
CA ASN B 178 -5.63 -20.00 19.90
C ASN B 178 -6.72 -20.06 20.97
N LYS B 179 -7.25 -18.89 21.38
CA LYS B 179 -8.27 -18.82 22.37
C LYS B 179 -9.50 -19.62 21.87
N PRO B 180 -10.04 -20.51 22.71
CA PRO B 180 -11.30 -21.14 22.41
C PRO B 180 -12.43 -20.10 22.21
N GLY B 181 -13.15 -20.24 21.11
CA GLY B 181 -14.28 -19.40 20.82
C GLY B 181 -13.90 -17.99 20.38
N LEU B 182 -12.66 -17.77 20.02
CA LEU B 182 -12.19 -16.49 19.43
C LEU B 182 -13.17 -16.00 18.38
N LYS B 183 -13.60 -14.75 18.52
CA LYS B 183 -14.42 -14.09 17.52
C LYS B 183 -13.64 -13.26 16.52
N TYR B 184 -12.73 -12.44 17.03
CA TYR B 184 -11.95 -11.52 16.22
C TYR B 184 -10.47 -11.61 16.57
N LYS B 185 -9.68 -11.91 15.51
CA LYS B 185 -8.25 -11.81 15.63
C LYS B 185 -7.88 -10.35 15.94
N PRO B 186 -6.74 -10.13 16.60
CA PRO B 186 -6.19 -8.77 16.62
C PRO B 186 -5.87 -8.35 15.19
N VAL B 187 -6.19 -7.13 14.85
CA VAL B 187 -5.87 -6.62 13.49
C VAL B 187 -4.42 -6.26 13.40
N CYS B 188 -3.80 -5.98 14.53
CA CYS B 188 -2.43 -5.39 14.55
C CYS B 188 -1.74 -5.74 15.82
N ASN B 189 -0.43 -5.58 15.80
CA ASN B 189 0.42 -5.60 16.98
C ASN B 189 1.35 -4.41 16.91
N GLN B 190 1.05 -3.39 17.70
CA GLN B 190 1.81 -2.15 17.69
C GLN B 190 3.02 -2.34 18.63
N VAL B 191 4.23 -2.32 18.05
CA VAL B 191 5.50 -2.59 18.75
C VAL B 191 6.61 -1.64 18.32
N GLU B 192 7.68 -1.64 19.11
CA GLU B 192 8.88 -0.88 18.76
C GLU B 192 9.42 -1.49 17.48
N CYS B 193 9.75 -0.66 16.53
CA CYS B 193 10.39 -1.19 15.34
C CYS B 193 11.09 -0.07 14.52
N HIS B 194 12.37 -0.32 14.20
CA HIS B 194 13.23 0.64 13.51
C HIS B 194 14.46 -0.11 13.02
N PRO B 195 15.37 0.60 12.25
CA PRO B 195 16.56 -0.13 11.74
C PRO B 195 17.55 -0.74 12.76
N TYR B 196 17.56 -0.23 13.99
CA TYR B 196 18.33 -0.90 15.03
C TYR B 196 17.65 -2.09 15.73
N PHE B 197 16.34 -2.29 15.52
CA PHE B 197 15.53 -3.34 16.16
C PHE B 197 14.40 -3.61 15.14
N ASN B 198 14.74 -4.32 14.05
CA ASN B 198 13.85 -4.33 12.87
C ASN B 198 12.74 -5.39 12.97
N GLN B 199 12.79 -6.27 14.01
CA GLN B 199 11.67 -7.14 14.32
C GLN B 199 11.31 -8.14 13.21
N ARG B 200 12.30 -8.49 12.40
CA ARG B 200 12.10 -9.43 11.33
C ARG B 200 11.29 -10.70 11.71
N LYS B 201 11.67 -11.35 12.81
CA LYS B 201 11.03 -12.59 13.23
C LYS B 201 9.58 -12.37 13.56
N LEU B 202 9.32 -11.35 14.40
CA LEU B 202 7.95 -11.08 14.85
C LEU B 202 7.14 -10.57 13.65
N LEU B 203 7.78 -9.74 12.81
CA LEU B 203 7.11 -9.25 11.56
C LEU B 203 6.65 -10.40 10.69
N ASP B 204 7.55 -11.35 10.45
CA ASP B 204 7.16 -12.51 9.69
C ASP B 204 6.05 -13.31 10.36
N PHE B 205 6.10 -13.47 11.68
CA PHE B 205 5.06 -14.20 12.34
C PHE B 205 3.69 -13.49 12.13
N CYS B 206 3.68 -12.17 12.35
CA CYS B 206 2.50 -11.36 12.12
C CYS B 206 1.95 -11.52 10.71
N LYS B 207 2.84 -11.41 9.71
CA LYS B 207 2.44 -11.58 8.35
C LYS B 207 1.76 -12.93 8.11
N SER B 208 2.32 -13.97 8.71
CA SER B 208 1.82 -15.36 8.56
C SER B 208 0.36 -15.49 9.07
N LYS B 209 -0.04 -14.56 9.94
CA LYS B 209 -1.35 -14.53 10.58
C LYS B 209 -2.26 -13.40 10.12
N ASP B 210 -1.82 -12.76 9.05
CA ASP B 210 -2.46 -11.53 8.55
C ASP B 210 -2.72 -10.50 9.67
N ILE B 211 -1.73 -10.35 10.55
CA ILE B 211 -1.72 -9.30 11.56
C ILE B 211 -0.77 -8.19 11.07
N VAL B 212 -1.22 -6.93 11.09
CA VAL B 212 -0.34 -5.84 10.68
C VAL B 212 0.56 -5.45 11.85
N LEU B 213 1.86 -5.33 11.58
CA LEU B 213 2.79 -4.80 12.60
C LEU B 213 2.80 -3.30 12.41
N VAL B 214 2.44 -2.60 13.46
CA VAL B 214 2.46 -1.13 13.51
C VAL B 214 3.69 -0.71 14.36
N ALA B 215 4.55 0.06 13.73
CA ALA B 215 5.89 0.42 14.30
C ALA B 215 5.83 1.72 15.09
N TYR B 216 6.15 1.65 16.39
CA TYR B 216 6.43 2.85 17.15
C TYR B 216 7.92 3.05 17.35
N SER B 217 8.27 4.26 17.79
CA SER B 217 9.66 4.64 18.01
C SER B 217 10.45 4.38 16.71
N ALA B 218 9.80 4.62 15.57
CA ALA B 218 10.37 4.33 14.22
C ALA B 218 11.54 5.24 13.91
N LEU B 219 11.62 6.35 14.68
CA LEU B 219 12.64 7.36 14.50
C LEU B 219 13.63 7.35 15.65
N GLY B 220 13.58 6.27 16.43
CA GLY B 220 14.54 6.08 17.53
C GLY B 220 14.01 6.48 18.90
N SER B 221 12.68 6.70 18.99
CA SER B 221 11.96 7.01 20.28
C SER B 221 12.17 8.47 20.69
N HIS B 222 11.22 8.96 21.48
CA HIS B 222 11.28 10.27 22.18
C HIS B 222 12.50 10.43 23.07
N ARG B 223 13.17 9.33 23.40
CA ARG B 223 14.34 9.33 24.30
C ARG B 223 14.10 9.96 25.70
N GLU B 224 12.87 9.81 26.23
CA GLU B 224 12.45 10.40 27.51
C GLU B 224 13.06 9.54 28.63
N GLU B 225 13.76 10.22 29.55
CA GLU B 225 14.31 9.56 30.76
C GLU B 225 13.18 9.55 31.79
N PRO B 226 13.11 8.50 32.62
CA PRO B 226 14.01 7.35 32.71
C PRO B 226 13.64 6.16 31.80
N TRP B 227 12.68 6.36 30.92
CA TRP B 227 12.15 5.24 30.07
C TRP B 227 13.19 4.72 29.04
N VAL B 228 14.03 5.61 28.55
CA VAL B 228 15.00 5.34 27.50
C VAL B 228 16.42 5.71 28.01
N ASP B 229 17.35 4.72 27.95
CA ASP B 229 18.75 4.89 28.30
C ASP B 229 19.40 5.97 27.41
N PRO B 230 19.81 7.09 28.06
CA PRO B 230 20.38 8.19 27.28
C PRO B 230 21.71 7.81 26.65
N ASN B 231 22.33 6.69 27.09
CA ASN B 231 23.50 6.16 26.39
C ASN B 231 23.21 5.28 25.15
N SER B 232 21.96 4.98 24.89
CA SER B 232 21.60 4.29 23.66
C SER B 232 21.99 5.13 22.42
N PRO B 233 22.45 4.47 21.34
CA PRO B 233 22.77 5.26 20.15
C PRO B 233 21.57 5.99 19.64
N VAL B 234 21.82 7.15 19.05
CA VAL B 234 20.82 7.94 18.41
C VAL B 234 20.61 7.42 16.98
N LEU B 235 19.43 6.85 16.75
CA LEU B 235 19.08 6.25 15.45
C LEU B 235 19.40 7.16 14.26
N LEU B 236 18.86 8.36 14.32
CA LEU B 236 18.89 9.28 13.18
C LEU B 236 20.27 9.88 12.87
N GLU B 237 21.27 9.50 13.66
CA GLU B 237 22.65 9.92 13.40
C GLU B 237 23.41 8.77 12.75
N ASP B 238 22.73 7.69 12.45
CA ASP B 238 23.39 6.56 11.85
C ASP B 238 24.00 7.02 10.51
N PRO B 239 25.29 6.68 10.27
CA PRO B 239 25.92 7.12 9.00
C PRO B 239 25.30 6.55 7.73
N VAL B 240 24.86 5.28 7.76
CA VAL B 240 24.17 4.68 6.61
C VAL B 240 22.87 5.43 6.31
N LEU B 241 22.06 5.68 7.35
CA LEU B 241 20.80 6.47 7.14
C LEU B 241 21.09 7.85 6.64
N CYS B 242 22.14 8.44 7.21
CA CYS B 242 22.54 9.79 6.84
C CYS B 242 23.04 9.81 5.36
N ALA B 243 23.89 8.84 4.97
CA ALA B 243 24.34 8.74 3.55
C ALA B 243 23.17 8.55 2.55
N LEU B 244 22.23 7.60 2.83
CA LEU B 244 21.07 7.41 1.94
C LEU B 244 20.23 8.68 1.89
N ALA B 245 20.12 9.39 2.99
CA ALA B 245 19.35 10.64 2.98
C ALA B 245 19.95 11.67 2.07
N LYS B 246 21.27 11.84 2.20
CA LYS B 246 22.04 12.77 1.37
C LYS B 246 21.80 12.44 -0.09
N LYS B 247 21.97 11.15 -0.38
CA LYS B 247 21.82 10.61 -1.75
C LYS B 247 20.48 10.96 -2.36
N HIS B 248 19.40 10.81 -1.57
CA HIS B 248 18.03 11.03 -2.05
C HIS B 248 17.56 12.47 -1.82
N LYS B 249 18.41 13.26 -1.18
CA LYS B 249 18.02 14.62 -0.79
C LYS B 249 16.77 14.54 0.11
N ARG B 250 16.76 13.55 0.98
CA ARG B 250 15.70 13.52 2.00
C ARG B 250 16.36 13.70 3.35
N THR B 251 15.82 13.08 4.39
CA THR B 251 16.36 13.16 5.75
C THR B 251 16.49 11.75 6.29
N PRO B 252 17.31 11.57 7.33
CA PRO B 252 17.39 10.23 7.90
C PRO B 252 16.02 9.71 8.37
N ALA B 253 15.17 10.62 8.86
CA ALA B 253 13.85 10.18 9.37
C ALA B 253 13.07 9.56 8.22
N LEU B 254 13.11 10.22 7.06
CA LEU B 254 12.35 9.77 5.91
C LEU B 254 12.82 8.42 5.39
N ILE B 255 14.13 8.19 5.39
CA ILE B 255 14.66 6.88 5.01
C ILE B 255 14.10 5.81 6.01
N ALA B 256 14.11 6.15 7.31
CA ALA B 256 13.66 5.20 8.35
C ALA B 256 12.16 4.87 8.21
N LEU B 257 11.37 5.90 7.87
CA LEU B 257 9.94 5.67 7.65
C LEU B 257 9.67 4.84 6.40
N ARG B 258 10.37 5.18 5.34
CA ARG B 258 10.20 4.50 4.05
C ARG B 258 10.57 3.07 4.12
N TYR B 259 11.64 2.76 4.82
CA TYR B 259 12.00 1.39 5.06
C TYR B 259 10.80 0.62 5.58
N GLN B 260 10.10 1.20 6.59
CA GLN B 260 8.95 0.48 7.13
C GLN B 260 7.82 0.24 6.13
N LEU B 261 7.42 1.28 5.44
CA LEU B 261 6.40 1.13 4.43
C LEU B 261 6.71 0.03 3.43
N GLN B 262 7.92 -0.01 2.90
CA GLN B 262 8.29 -1.02 1.90
C GLN B 262 8.35 -2.43 2.39
N ARG B 263 8.58 -2.64 3.68
CA ARG B 263 8.64 -3.97 4.19
C ARG B 263 7.26 -4.44 4.71
N GLY B 264 6.23 -3.63 4.46
CA GLY B 264 4.84 -3.99 4.81
C GLY B 264 4.39 -3.61 6.22
N VAL B 265 5.12 -2.74 6.87
CA VAL B 265 4.85 -2.26 8.20
C VAL B 265 4.09 -0.93 8.12
N VAL B 266 3.05 -0.71 8.96
CA VAL B 266 2.41 0.55 9.11
C VAL B 266 3.22 1.30 10.19
N VAL B 267 3.56 2.54 9.91
CA VAL B 267 4.55 3.26 10.67
C VAL B 267 3.92 4.56 11.28
N LEU B 268 4.22 4.77 12.55
CA LEU B 268 3.90 5.99 13.25
C LEU B 268 5.08 6.93 13.22
N ALA B 269 4.77 8.20 13.32
CA ALA B 269 5.78 9.24 13.50
C ALA B 269 5.20 10.35 14.35
N LYS B 270 5.81 10.64 15.49
CA LYS B 270 5.40 11.82 16.27
C LYS B 270 6.36 12.98 16.02
N SER B 271 5.76 14.15 15.84
CA SER B 271 6.45 15.42 15.97
C SER B 271 5.46 16.49 16.39
N TYR B 272 5.92 17.47 17.18
CA TYR B 272 5.01 18.60 17.52
C TYR B 272 5.53 19.84 16.83
N ASN B 273 6.50 19.63 15.98
CA ASN B 273 7.17 20.69 15.23
C ASN B 273 6.66 20.75 13.84
N GLU B 274 6.14 21.89 13.45
CA GLU B 274 5.46 21.94 12.18
C GLU B 274 6.41 21.53 11.03
N GLN B 275 7.67 21.93 11.07
CA GLN B 275 8.58 21.50 9.98
C GLN B 275 8.58 19.98 9.81
N ARG B 276 8.86 19.27 10.92
CA ARG B 276 9.03 17.80 10.87
C ARG B 276 7.76 17.05 10.58
N ILE B 277 6.65 17.63 11.06
CA ILE B 277 5.31 17.12 10.71
C ILE B 277 5.14 17.09 9.17
N ARG B 278 5.46 18.19 8.51
CA ARG B 278 5.28 18.27 7.05
C ARG B 278 6.28 17.43 6.32
N GLN B 279 7.50 17.42 6.84
CA GLN B 279 8.50 16.63 6.22
C GLN B 279 8.08 15.13 6.19
N ASN B 280 7.48 14.65 7.29
CA ASN B 280 7.27 13.18 7.40
C ASN B 280 6.31 12.61 6.37
N VAL B 281 5.35 13.41 5.93
CA VAL B 281 4.36 12.96 4.95
C VAL B 281 5.02 12.81 3.54
N GLN B 282 6.21 13.34 3.34
CA GLN B 282 6.97 13.07 2.10
C GLN B 282 7.45 11.65 1.93
N VAL B 283 7.11 10.78 2.85
CA VAL B 283 7.49 9.37 2.75
C VAL B 283 6.89 8.72 1.48
N PHE B 284 5.83 9.34 0.97
CA PHE B 284 5.12 8.83 -0.19
C PHE B 284 5.70 9.25 -1.49
N GLU B 285 6.75 10.09 -1.41
N GLU B 285 6.71 10.13 -1.47
CA GLU B 285 7.28 10.85 -2.56
CA GLU B 285 7.18 10.75 -2.71
C GLU B 285 8.56 10.23 -3.17
C GLU B 285 8.41 10.06 -3.33
N PHE B 286 9.01 9.10 -2.62
CA PHE B 286 10.19 8.42 -3.15
C PHE B 286 10.14 6.93 -2.77
N GLN B 287 11.09 6.17 -3.33
CA GLN B 287 11.23 4.74 -3.08
C GLN B 287 12.72 4.35 -2.90
N LEU B 288 12.91 3.26 -2.18
CA LEU B 288 14.17 2.66 -1.94
C LEU B 288 14.29 1.40 -2.78
N THR B 289 15.49 1.22 -3.32
CA THR B 289 15.82 0.03 -4.12
C THR B 289 16.08 -1.14 -3.20
N SER B 290 16.12 -2.33 -3.79
CA SER B 290 16.36 -3.60 -3.03
C SER B 290 17.73 -3.52 -2.39
N GLU B 291 18.72 -2.93 -3.06
CA GLU B 291 20.06 -2.83 -2.38
C GLU B 291 20.09 -1.90 -1.16
N GLU B 292 19.38 -0.78 -1.29
CA GLU B 292 19.19 0.15 -0.23
C GLU B 292 18.44 -0.45 0.99
N MET B 293 17.36 -1.21 0.73
CA MET B 293 16.65 -1.87 1.75
C MET B 293 17.54 -2.86 2.49
N LYS B 294 18.40 -3.55 1.75
CA LYS B 294 19.32 -4.50 2.32
C LYS B 294 20.34 -3.82 3.21
N ALA B 295 20.75 -2.64 2.80
CA ALA B 295 21.71 -1.85 3.58
C ALA B 295 21.06 -1.52 4.91
N ILE B 296 19.76 -1.21 4.89
CA ILE B 296 19.03 -0.85 6.15
C ILE B 296 18.84 -2.09 7.00
N ASP B 297 18.47 -3.21 6.39
CA ASP B 297 18.40 -4.45 7.12
C ASP B 297 19.71 -4.70 7.89
N GLY B 298 20.84 -4.37 7.23
CA GLY B 298 22.20 -4.54 7.82
C GLY B 298 22.46 -3.83 9.12
N LEU B 299 21.64 -2.83 9.41
CA LEU B 299 21.83 -2.02 10.61
C LEU B 299 21.32 -2.58 11.90
N ASN B 300 20.52 -3.64 11.77
CA ASN B 300 19.93 -4.32 12.88
C ASN B 300 20.94 -4.63 13.99
N ARG B 301 20.59 -4.22 15.22
CA ARG B 301 21.44 -4.21 16.41
C ARG B 301 20.91 -4.94 17.61
N ASN B 302 19.69 -5.40 17.51
CA ASN B 302 18.99 -5.88 18.72
C ASN B 302 19.04 -4.82 19.85
N VAL B 303 18.91 -3.50 19.54
CA VAL B 303 18.84 -2.43 20.59
C VAL B 303 17.39 -2.08 20.75
N ARG B 304 16.80 -2.49 21.87
CA ARG B 304 15.46 -2.04 22.23
C ARG B 304 15.55 -0.74 23.04
N TYR B 305 14.99 0.37 22.55
CA TYR B 305 14.98 1.62 23.30
C TYR B 305 14.00 1.60 24.49
N LEU B 306 12.80 1.04 24.29
CA LEU B 306 11.79 0.99 25.33
C LEU B 306 11.63 -0.39 25.93
N THR B 307 12.33 -0.66 27.01
CA THR B 307 12.25 -1.99 27.62
C THR B 307 11.03 -2.09 28.47
N LEU B 308 10.50 -0.95 28.91
CA LEU B 308 9.43 -0.93 29.92
C LEU B 308 9.72 -1.82 31.12
N ASP B 309 11.00 -1.80 31.53
CA ASP B 309 11.48 -2.80 32.49
C ASP B 309 10.97 -2.54 33.91
N ILE B 310 10.36 -1.36 34.15
CA ILE B 310 9.69 -1.15 35.41
C ILE B 310 8.56 -2.16 35.57
N PHE B 311 8.07 -2.71 34.47
CA PHE B 311 7.00 -3.71 34.54
C PHE B 311 7.53 -5.15 34.48
N ALA B 312 8.84 -5.38 34.70
CA ALA B 312 9.37 -6.74 34.71
C ALA B 312 8.95 -7.50 35.96
N GLY B 313 8.87 -8.82 35.79
CA GLY B 313 8.55 -9.72 36.87
C GLY B 313 7.30 -10.56 36.58
N PRO B 314 6.19 -9.92 36.18
CA PRO B 314 4.99 -10.71 35.95
C PRO B 314 5.08 -11.67 34.74
N PRO B 315 4.26 -12.71 34.75
CA PRO B 315 4.37 -13.68 33.66
C PRO B 315 4.16 -13.12 32.24
N ASN B 316 3.39 -12.02 32.15
CA ASN B 316 3.05 -11.41 30.88
C ASN B 316 4.00 -10.33 30.43
N TYR B 317 5.07 -10.08 31.17
CA TYR B 317 6.02 -9.13 30.72
C TYR B 317 6.61 -9.69 29.40
N PRO B 318 6.57 -8.88 28.35
CA PRO B 318 6.80 -9.40 26.98
C PRO B 318 8.19 -9.50 26.46
N PHE B 319 9.18 -8.90 27.14
CA PHE B 319 10.52 -8.74 26.56
C PHE B 319 11.62 -9.56 27.18
N SER B 320 11.35 -10.49 28.06
CA SER B 320 12.49 -11.49 28.20
C SER B 320 12.45 -12.59 27.13
#